data_6HWY
#
_entry.id   6HWY
#
_entity_poly.entity_id   1
_entity_poly.type   'polypeptide(L)'
_entity_poly.pdbx_seq_one_letter_code
;PLRMGGNGQLQYWPFSSSDLYNWKNNNPSFSEDPGKLTALIESVLTTHQPTWDDCQQLLGTLLTGEEKQRVLLEARKAVR
GNDGRPTQLPNEVDAAFPLERPDWDYTTQRGRNHLVLYRQLLLAGMQNAGRSPTNLAKVKGITQGPNESPSAFLERLKEA
YRRYTPYDPEDPGQETNVSMSFIWQSAPDIGRKLERLEDLKSKTLGDLVREAEKIFNKRETPEEREERIRRETEEK
;
_entity_poly.pdbx_strand_id   A,B,C,D
#
# COMPACT_ATOMS: atom_id res chain seq x y z
N PRO A 1 -26.50 37.77 43.08
CA PRO A 1 -26.85 36.32 42.91
C PRO A 1 -27.99 35.88 43.84
N LEU A 2 -28.70 34.84 43.44
CA LEU A 2 -29.74 34.25 44.27
C LEU A 2 -29.46 32.77 44.39
N ARG A 3 -29.79 32.19 45.55
CA ARG A 3 -29.71 30.75 45.72
C ARG A 3 -30.83 30.32 46.67
N MET A 4 -31.24 29.05 46.56
CA MET A 4 -32.28 28.53 47.43
C MET A 4 -31.65 28.31 48.80
N GLY A 5 -32.14 29.03 49.81
CA GLY A 5 -31.60 28.90 51.14
C GLY A 5 -31.97 27.59 51.80
N GLY A 6 -31.39 27.33 52.96
CA GLY A 6 -31.65 26.11 53.70
C GLY A 6 -33.07 26.05 54.22
N ASN A 7 -33.76 27.19 54.18
CA ASN A 7 -35.13 27.29 54.67
C ASN A 7 -36.17 27.29 53.55
N GLY A 8 -35.75 26.95 52.33
CA GLY A 8 -36.65 26.89 51.20
C GLY A 8 -37.01 28.25 50.63
N GLN A 9 -36.23 29.26 50.99
CA GLN A 9 -36.49 30.61 50.52
C GLN A 9 -35.26 31.15 49.78
N LEU A 10 -35.48 31.87 48.67
CA LEU A 10 -34.36 32.45 47.93
C LEU A 10 -33.57 33.41 48.83
N GLN A 11 -32.27 33.47 48.60
CA GLN A 11 -31.38 34.28 49.42
C GLN A 11 -30.55 35.09 48.45
N TYR A 12 -30.40 36.39 48.70
CA TYR A 12 -29.61 37.23 47.80
C TYR A 12 -28.24 37.62 48.35
N TRP A 13 -27.23 37.68 47.48
CA TRP A 13 -25.94 38.27 47.84
C TRP A 13 -25.34 38.90 46.57
N PRO A 14 -24.64 40.02 46.71
CA PRO A 14 -24.04 40.68 45.54
C PRO A 14 -22.86 39.89 45.03
N PHE A 15 -22.56 40.05 43.75
CA PHE A 15 -21.41 39.42 43.14
C PHE A 15 -20.17 39.92 43.86
N SER A 16 -19.21 39.02 44.06
CA SER A 16 -17.92 39.43 44.52
C SER A 16 -17.26 40.13 43.33
N SER A 17 -16.59 41.26 43.56
CA SER A 17 -15.97 41.92 42.41
C SER A 17 -14.84 41.07 41.85
N SER A 18 -14.26 40.20 42.68
CA SER A 18 -13.18 39.34 42.21
C SER A 18 -13.68 38.39 41.12
N ASP A 19 -14.90 37.89 41.26
CA ASP A 19 -15.48 37.02 40.22
C ASP A 19 -15.67 37.82 38.93
N LEU A 20 -16.29 39.00 39.04
CA LEU A 20 -16.55 39.79 37.86
C LEU A 20 -15.26 40.13 37.12
N TYR A 21 -14.27 40.61 37.85
CA TYR A 21 -13.01 40.97 37.20
C TYR A 21 -12.22 39.75 36.69
N ASN A 22 -12.36 38.62 37.37
CA ASN A 22 -11.69 37.40 36.90
C ASN A 22 -12.30 36.96 35.57
N TRP A 23 -13.62 37.03 35.49
CA TRP A 23 -14.31 36.64 34.25
C TRP A 23 -13.85 37.53 33.12
N LYS A 24 -13.79 38.83 33.39
CA LYS A 24 -13.33 39.78 32.39
C LYS A 24 -11.90 39.46 31.95
N ASN A 25 -11.02 39.33 32.93
CA ASN A 25 -9.59 39.19 32.62
C ASN A 25 -9.18 37.85 31.99
N ASN A 26 -10.03 36.84 32.11
CA ASN A 26 -9.68 35.53 31.56
C ASN A 26 -10.35 35.24 30.22
N ASN A 27 -10.89 36.29 29.62
CA ASN A 27 -11.56 36.15 28.33
C ASN A 27 -11.25 37.30 27.41
N PRO A 28 -11.37 37.04 26.10
CA PRO A 28 -11.23 38.10 25.11
C PRO A 28 -12.41 39.04 25.27
N SER A 29 -12.33 40.21 24.66
CA SER A 29 -13.45 41.13 24.69
C SER A 29 -14.56 40.52 23.86
N PHE A 30 -15.78 41.02 24.06
CA PHE A 30 -16.93 40.54 23.31
C PHE A 30 -16.70 40.74 21.82
N SER A 31 -16.17 41.89 21.46
CA SER A 31 -15.92 42.23 20.05
C SER A 31 -14.92 41.30 19.41
N GLU A 32 -13.86 40.95 20.14
CA GLU A 32 -12.82 40.05 19.63
C GLU A 32 -13.33 38.66 19.32
N ASP A 33 -14.18 38.14 20.21
CA ASP A 33 -14.65 36.77 20.09
C ASP A 33 -15.88 36.65 20.98
N PRO A 34 -17.05 36.96 20.43
CA PRO A 34 -18.29 37.01 21.21
C PRO A 34 -18.64 35.70 21.91
N GLY A 35 -18.27 34.58 21.29
CA GLY A 35 -18.59 33.28 21.85
C GLY A 35 -18.09 33.07 23.27
N LYS A 36 -16.88 33.58 23.56
CA LYS A 36 -16.26 33.40 24.87
C LYS A 36 -17.15 33.95 26.00
N LEU A 37 -17.36 35.26 26.00
CA LEU A 37 -18.16 35.89 27.05
C LEU A 37 -19.61 35.44 27.01
N THR A 38 -20.15 35.18 25.82
CA THR A 38 -21.53 34.73 25.74
C THR A 38 -21.71 33.42 26.51
N ALA A 39 -20.78 32.47 26.32
CA ALA A 39 -20.86 31.18 26.99
C ALA A 39 -20.66 31.32 28.50
N LEU A 40 -19.76 32.22 28.89
CA LEU A 40 -19.52 32.46 30.31
C LEU A 40 -20.78 33.04 30.96
N ILE A 41 -21.34 34.06 30.32
CA ILE A 41 -22.56 34.67 30.84
C ILE A 41 -23.75 33.73 30.83
N GLU A 42 -23.88 32.91 29.79
CA GLU A 42 -24.97 31.93 29.77
C GLU A 42 -24.89 31.02 31.00
N SER A 43 -23.67 30.61 31.34
CA SER A 43 -23.45 29.74 32.49
C SER A 43 -23.81 30.45 33.79
N VAL A 44 -23.26 31.64 33.96
CA VAL A 44 -23.50 32.43 35.18
C VAL A 44 -24.97 32.76 35.38
N LEU A 45 -25.67 33.04 34.28
CA LEU A 45 -27.10 33.33 34.36
C LEU A 45 -27.82 32.17 35.04
N THR A 46 -27.30 30.96 34.84
CA THR A 46 -27.89 29.80 35.50
C THR A 46 -27.39 29.57 36.92
N THR A 47 -26.07 29.47 37.08
CA THR A 47 -25.53 29.14 38.40
C THR A 47 -25.71 30.23 39.42
N HIS A 48 -25.65 31.49 38.98
CA HIS A 48 -25.73 32.60 39.92
C HIS A 48 -27.14 33.21 40.03
N GLN A 49 -28.03 32.81 39.14
CA GLN A 49 -29.43 33.28 39.17
C GLN A 49 -29.50 34.79 39.44
N PRO A 50 -28.83 35.59 38.64
CA PRO A 50 -28.74 37.04 38.88
C PRO A 50 -30.09 37.76 38.81
N THR A 51 -30.24 38.81 39.62
CA THR A 51 -31.40 39.69 39.53
C THR A 51 -31.16 40.67 38.37
N TRP A 52 -32.09 41.59 38.14
CA TRP A 52 -31.92 42.58 37.07
C TRP A 52 -30.71 43.45 37.36
N ASP A 53 -30.57 43.89 38.61
CA ASP A 53 -29.37 44.67 38.96
C ASP A 53 -28.09 43.88 38.77
N ASP A 54 -28.11 42.59 39.13
CA ASP A 54 -26.93 41.78 38.94
C ASP A 54 -26.57 41.74 37.47
N CYS A 55 -27.58 41.59 36.61
CA CYS A 55 -27.32 41.55 35.18
C CYS A 55 -26.69 42.85 34.68
N GLN A 56 -27.10 43.97 35.27
CA GLN A 56 -26.50 45.25 34.87
C GLN A 56 -25.01 45.25 35.22
N GLN A 57 -24.63 44.66 36.36
CA GLN A 57 -23.21 44.59 36.74
C GLN A 57 -22.44 43.68 35.82
N LEU A 58 -23.05 42.55 35.49
CA LEU A 58 -22.41 41.64 34.55
C LEU A 58 -22.09 42.36 33.27
N LEU A 59 -23.13 42.91 32.64
CA LEU A 59 -22.99 43.59 31.38
C LEU A 59 -22.07 44.78 31.47
N GLY A 60 -22.27 45.57 32.52
CA GLY A 60 -21.48 46.77 32.72
C GLY A 60 -20.02 46.49 32.90
N THR A 61 -19.69 45.35 33.49
CA THR A 61 -18.31 44.98 33.76
C THR A 61 -17.65 44.26 32.61
N LEU A 62 -18.39 43.42 31.90
CA LEU A 62 -17.79 42.58 30.88
C LEU A 62 -17.83 43.16 29.48
N LEU A 63 -18.74 44.11 29.25
CA LEU A 63 -18.88 44.69 27.93
C LEU A 63 -18.52 46.17 27.93
N THR A 64 -18.09 46.67 26.77
CA THR A 64 -17.86 48.11 26.64
C THR A 64 -19.23 48.77 26.49
N GLY A 65 -19.25 50.10 26.54
CA GLY A 65 -20.49 50.83 26.39
C GLY A 65 -21.19 50.50 25.08
N GLU A 66 -20.41 50.38 24.01
CA GLU A 66 -20.93 50.14 22.67
C GLU A 66 -21.42 48.70 22.49
N GLU A 67 -20.74 47.78 23.17
CA GLU A 67 -21.12 46.38 23.11
C GLU A 67 -22.43 46.16 23.87
N LYS A 68 -22.51 46.72 25.07
CA LYS A 68 -23.69 46.59 25.92
C LYS A 68 -24.91 47.11 25.17
N GLN A 69 -24.74 48.26 24.53
CA GLN A 69 -25.85 48.86 23.79
C GLN A 69 -26.35 47.94 22.70
N ARG A 70 -25.43 47.33 21.98
CA ARG A 70 -25.78 46.44 20.90
C ARG A 70 -26.59 45.29 21.50
N VAL A 71 -26.05 44.71 22.58
CA VAL A 71 -26.71 43.60 23.25
C VAL A 71 -28.11 43.95 23.75
N LEU A 72 -28.25 45.11 24.37
CA LEU A 72 -29.56 45.51 24.91
C LEU A 72 -30.62 45.71 23.81
N LEU A 73 -30.21 46.29 22.69
CA LEU A 73 -31.18 46.50 21.61
C LEU A 73 -31.52 45.17 20.97
N GLU A 74 -30.53 44.28 20.92
CA GLU A 74 -30.73 42.97 20.34
C GLU A 74 -31.68 42.17 21.25
N ALA A 75 -31.55 42.36 22.56
CA ALA A 75 -32.41 41.66 23.51
C ALA A 75 -33.85 42.14 23.40
N ARG A 76 -34.02 43.45 23.24
CA ARG A 76 -35.36 43.99 23.10
C ARG A 76 -35.99 43.54 21.77
N LYS A 77 -35.15 43.36 20.75
CA LYS A 77 -35.64 42.89 19.44
C LYS A 77 -36.03 41.42 19.49
N ALA A 78 -35.65 40.73 20.56
CA ALA A 78 -35.94 39.30 20.69
C ALA A 78 -37.22 39.05 21.46
N VAL A 79 -37.85 40.10 21.97
CA VAL A 79 -39.08 39.96 22.73
C VAL A 79 -40.21 39.47 21.81
N ARG A 80 -41.04 38.59 22.34
CA ARG A 80 -42.16 38.01 21.61
C ARG A 80 -43.44 38.32 22.34
N GLY A 81 -44.50 38.56 21.58
CA GLY A 81 -45.81 38.76 22.16
C GLY A 81 -46.41 37.41 22.52
N ASN A 82 -47.63 37.42 23.03
CA ASN A 82 -48.28 36.20 23.46
C ASN A 82 -48.65 35.28 22.30
N ASP A 83 -48.47 35.77 21.08
CA ASP A 83 -48.77 35.00 19.88
C ASP A 83 -47.47 34.41 19.31
N GLY A 84 -46.41 34.48 20.11
CA GLY A 84 -45.10 33.95 19.73
C GLY A 84 -44.36 34.68 18.63
N ARG A 85 -44.85 35.85 18.25
CA ARG A 85 -44.23 36.61 17.17
C ARG A 85 -43.53 37.85 17.71
N PRO A 86 -42.59 38.40 16.94
CA PRO A 86 -41.90 39.61 17.37
C PRO A 86 -42.89 40.73 17.61
N THR A 87 -42.51 41.63 18.49
CA THR A 87 -43.35 42.77 18.79
C THR A 87 -42.45 43.96 19.07
N GLN A 88 -42.86 45.11 18.57
CA GLN A 88 -42.15 46.35 18.81
C GLN A 88 -43.03 47.29 19.59
N LEU A 89 -44.09 46.74 20.20
CA LEU A 89 -44.99 47.53 21.04
C LEU A 89 -44.29 47.93 22.34
N PRO A 90 -44.02 49.22 22.51
CA PRO A 90 -43.27 49.73 23.66
C PRO A 90 -43.60 49.07 24.99
N ASN A 91 -44.87 48.96 25.33
CA ASN A 91 -45.27 48.38 26.60
C ASN A 91 -44.87 46.91 26.75
N GLU A 92 -44.93 46.17 25.65
CA GLU A 92 -44.58 44.76 25.69
C GLU A 92 -43.06 44.65 25.77
N VAL A 93 -42.36 45.43 24.96
CA VAL A 93 -40.92 45.40 24.98
C VAL A 93 -40.37 45.81 26.35
N ASP A 94 -40.92 46.88 26.90
CA ASP A 94 -40.50 47.39 28.21
C ASP A 94 -40.79 46.40 29.33
N ALA A 95 -41.92 45.73 29.25
CA ALA A 95 -42.33 44.78 30.27
C ALA A 95 -41.43 43.55 30.32
N ALA A 96 -40.99 43.11 29.15
CA ALA A 96 -40.12 41.92 29.06
C ALA A 96 -38.68 42.27 29.39
N PHE A 97 -38.17 43.31 28.74
CA PHE A 97 -36.79 43.69 28.91
C PHE A 97 -36.64 45.17 29.21
N PRO A 98 -36.89 45.54 30.46
CA PRO A 98 -36.80 46.93 30.91
C PRO A 98 -35.39 47.48 30.92
N LEU A 99 -35.25 48.73 30.48
CA LEU A 99 -33.97 49.43 30.48
C LEU A 99 -33.71 50.12 31.83
N GLU A 100 -34.78 50.33 32.59
CA GLU A 100 -34.68 50.91 33.92
C GLU A 100 -35.16 49.87 34.93
N ARG A 101 -34.62 49.95 36.14
CA ARG A 101 -34.96 49.00 37.21
C ARG A 101 -36.44 48.71 37.35
N PRO A 102 -36.80 47.44 37.18
CA PRO A 102 -38.19 46.98 37.33
C PRO A 102 -38.52 46.68 38.80
N ASP A 103 -39.79 46.50 39.12
CA ASP A 103 -40.20 46.22 40.49
C ASP A 103 -40.31 44.74 40.77
N TRP A 104 -39.56 43.93 40.03
CA TRP A 104 -39.64 42.48 40.18
C TRP A 104 -39.21 42.02 41.56
N ASP A 105 -40.08 41.26 42.22
CA ASP A 105 -39.83 40.73 43.55
C ASP A 105 -39.52 39.25 43.44
N TYR A 106 -38.28 38.85 43.70
CA TYR A 106 -37.89 37.45 43.54
C TYR A 106 -38.60 36.49 44.50
N THR A 107 -39.26 37.01 45.53
CA THR A 107 -40.02 36.13 46.41
C THR A 107 -41.38 35.81 45.82
N THR A 108 -41.70 36.35 44.65
CA THR A 108 -42.99 36.06 44.02
C THR A 108 -42.83 35.32 42.70
N GLN A 109 -43.76 34.40 42.42
CA GLN A 109 -43.74 33.64 41.17
C GLN A 109 -43.75 34.60 39.98
N ARG A 110 -44.45 35.73 40.15
CA ARG A 110 -44.49 36.75 39.11
C ARG A 110 -43.10 37.31 38.88
N GLY A 111 -42.41 37.67 39.95
CA GLY A 111 -41.08 38.22 39.86
C GLY A 111 -40.12 37.22 39.26
N ARG A 112 -40.20 35.98 39.73
CA ARG A 112 -39.32 34.93 39.23
C ARG A 112 -39.49 34.71 37.75
N ASN A 113 -40.74 34.65 37.27
CA ASN A 113 -40.97 34.43 35.84
C ASN A 113 -40.39 35.55 34.97
N HIS A 114 -40.56 36.79 35.41
CA HIS A 114 -39.97 37.90 34.68
C HIS A 114 -38.43 37.76 34.64
N LEU A 115 -37.85 37.32 35.76
CA LEU A 115 -36.40 37.18 35.84
C LEU A 115 -35.94 36.10 34.86
N VAL A 116 -36.65 34.98 34.83
CA VAL A 116 -36.34 33.92 33.90
C VAL A 116 -36.31 34.45 32.48
N LEU A 117 -37.39 35.11 32.08
CA LEU A 117 -37.53 35.67 30.73
C LEU A 117 -36.45 36.69 30.45
N TYR A 118 -36.18 37.54 31.43
CA TYR A 118 -35.16 38.58 31.25
C TYR A 118 -33.83 37.93 30.91
N ARG A 119 -33.46 36.91 31.69
CA ARG A 119 -32.19 36.23 31.46
C ARG A 119 -32.17 35.56 30.10
N GLN A 120 -33.30 34.95 29.72
CA GLN A 120 -33.36 34.30 28.42
C GLN A 120 -33.16 35.32 27.31
N LEU A 121 -33.79 36.49 27.46
CA LEU A 121 -33.67 37.52 26.43
C LEU A 121 -32.28 38.14 26.40
N LEU A 122 -31.66 38.24 27.56
CA LEU A 122 -30.32 38.77 27.64
C LEU A 122 -29.42 37.86 26.83
N LEU A 123 -29.57 36.55 27.03
CA LEU A 123 -28.74 35.59 26.30
C LEU A 123 -28.97 35.71 24.80
N ALA A 124 -30.23 35.83 24.42
CA ALA A 124 -30.57 35.96 23.02
C ALA A 124 -29.89 37.19 22.44
N GLY A 125 -29.95 38.28 23.20
CA GLY A 125 -29.35 39.53 22.78
C GLY A 125 -27.88 39.36 22.50
N MET A 126 -27.18 38.69 23.40
CA MET A 126 -25.76 38.48 23.22
C MET A 126 -25.51 37.59 22.01
N GLN A 127 -26.30 36.54 21.85
CA GLN A 127 -26.09 35.63 20.73
C GLN A 127 -26.25 36.36 19.42
N ASN A 128 -27.27 37.21 19.33
CA ASN A 128 -27.54 37.94 18.09
C ASN A 128 -26.57 39.11 17.86
N ALA A 129 -26.18 39.78 18.93
CA ALA A 129 -25.23 40.89 18.81
C ALA A 129 -23.88 40.35 18.37
N GLY A 130 -23.58 39.11 18.77
CA GLY A 130 -22.32 38.50 18.41
C GLY A 130 -21.96 38.75 16.96
N ARG A 131 -22.32 37.80 16.09
CA ARG A 131 -22.03 37.90 14.63
C ARG A 131 -20.65 38.50 14.43
N SER A 132 -19.59 37.76 14.81
CA SER A 132 -18.20 38.24 14.66
C SER A 132 -17.81 38.25 13.18
N PRO A 133 -17.26 39.36 12.63
CA PRO A 133 -16.89 39.39 11.21
C PRO A 133 -15.97 38.21 10.86
N THR A 134 -16.16 37.64 9.65
CA THR A 134 -15.35 36.49 9.19
C THR A 134 -13.97 37.00 8.73
N ASN A 135 -12.97 36.11 8.71
CA ASN A 135 -11.62 36.47 8.27
C ASN A 135 -10.84 35.16 8.18
N LEU A 136 -10.90 34.51 7.01
CA LEU A 136 -10.25 33.20 6.87
C LEU A 136 -8.74 33.29 7.05
N ALA A 137 -8.14 34.42 6.66
CA ALA A 137 -6.71 34.59 6.84
C ALA A 137 -6.29 34.33 8.28
N LYS A 138 -7.16 34.66 9.24
CA LYS A 138 -6.80 34.43 10.64
C LYS A 138 -6.69 32.94 10.94
N VAL A 139 -7.56 32.14 10.33
CA VAL A 139 -7.48 30.70 10.52
C VAL A 139 -6.23 30.15 9.85
N LYS A 140 -5.93 30.60 8.62
CA LYS A 140 -4.71 30.12 7.96
C LYS A 140 -3.46 30.57 8.69
N GLY A 141 -3.54 31.65 9.46
CA GLY A 141 -2.38 32.14 10.16
C GLY A 141 -2.03 31.40 11.44
N ILE A 142 -2.83 30.42 11.86
CA ILE A 142 -2.52 29.65 13.08
C ILE A 142 -1.54 28.56 12.69
N THR A 143 -0.26 28.72 13.05
CA THR A 143 0.75 27.73 12.72
C THR A 143 1.39 27.19 13.98
N GLN A 144 1.62 25.89 14.03
CA GLN A 144 2.17 25.28 15.23
C GLN A 144 3.57 25.84 15.51
N GLY A 145 3.80 26.28 16.75
CA GLY A 145 5.09 26.75 17.17
C GLY A 145 6.07 25.61 17.35
N PRO A 146 7.37 25.92 17.32
CA PRO A 146 8.38 24.85 17.40
C PRO A 146 8.37 24.09 18.71
N ASN A 147 7.90 24.70 19.79
CA ASN A 147 7.80 24.02 21.09
C ASN A 147 6.37 23.65 21.44
N GLU A 148 5.43 23.95 20.56
CA GLU A 148 4.01 23.82 20.88
C GLU A 148 3.52 22.40 20.64
N SER A 149 2.86 21.83 21.65
CA SER A 149 2.32 20.49 21.53
C SER A 149 1.19 20.47 20.50
N PRO A 150 0.98 19.31 19.85
CA PRO A 150 -0.14 19.23 18.89
C PRO A 150 -1.50 19.53 19.48
N SER A 151 -1.75 19.13 20.73
CA SER A 151 -3.05 19.42 21.31
C SER A 151 -3.21 20.91 21.62
N ALA A 152 -2.13 21.56 22.03
CA ALA A 152 -2.21 23.00 22.29
C ALA A 152 -2.42 23.77 21.00
N PHE A 153 -1.73 23.36 19.94
CA PHE A 153 -1.91 23.95 18.63
C PHE A 153 -3.35 23.76 18.14
N LEU A 154 -3.87 22.54 18.28
CA LEU A 154 -5.25 22.30 17.84
C LEU A 154 -6.23 23.21 18.57
N GLU A 155 -6.04 23.41 19.88
CA GLU A 155 -6.95 24.30 20.60
C GLU A 155 -6.86 25.74 20.07
N ARG A 156 -5.66 26.23 19.77
CA ARG A 156 -5.54 27.56 19.18
C ARG A 156 -6.21 27.61 17.81
N LEU A 157 -6.08 26.54 17.02
CA LEU A 157 -6.70 26.51 15.71
C LEU A 157 -8.22 26.53 15.83
N LYS A 158 -8.76 25.77 16.78
CA LYS A 158 -10.21 25.78 16.98
C LYS A 158 -10.68 27.15 17.44
N GLU A 159 -9.91 27.81 18.31
CA GLU A 159 -10.28 29.15 18.76
C GLU A 159 -10.38 30.12 17.59
N ALA A 160 -9.50 29.98 16.60
CA ALA A 160 -9.56 30.86 15.45
C ALA A 160 -10.79 30.58 14.59
N TYR A 161 -11.11 29.30 14.37
CA TYR A 161 -12.38 28.96 13.72
C TYR A 161 -13.56 29.62 14.43
N ARG A 162 -13.61 29.50 15.76
CA ARG A 162 -14.74 30.09 16.50
C ARG A 162 -14.80 31.60 16.31
N ARG A 163 -13.66 32.27 16.42
CA ARG A 163 -13.69 33.72 16.46
C ARG A 163 -13.88 34.32 15.07
N TYR A 164 -13.28 33.70 14.05
CA TYR A 164 -13.15 34.32 12.74
C TYR A 164 -13.86 33.59 11.61
N THR A 165 -14.65 32.58 11.90
CA THR A 165 -15.50 31.96 10.89
C THR A 165 -16.88 31.73 11.49
N PRO A 166 -17.89 31.48 10.66
CA PRO A 166 -19.17 30.99 11.17
C PRO A 166 -19.22 29.49 11.43
N TYR A 167 -18.13 28.77 11.26
CA TYR A 167 -18.14 27.31 11.41
C TYR A 167 -17.73 26.92 12.82
N ASP A 168 -18.48 26.00 13.41
CA ASP A 168 -18.15 25.43 14.72
C ASP A 168 -17.16 24.31 14.53
N PRO A 169 -15.91 24.47 15.00
CA PRO A 169 -14.91 23.40 14.78
C PRO A 169 -15.25 22.10 15.48
N GLU A 170 -16.24 22.08 16.37
CA GLU A 170 -16.64 20.84 17.03
C GLU A 170 -17.75 20.12 16.29
N ASP A 171 -18.31 20.70 15.24
CA ASP A 171 -19.38 20.04 14.49
C ASP A 171 -18.83 18.82 13.75
N PRO A 172 -19.58 17.71 13.73
CA PRO A 172 -19.12 16.55 12.96
C PRO A 172 -18.90 16.85 11.50
N GLY A 173 -19.72 17.73 10.92
CA GLY A 173 -19.54 18.11 9.53
C GLY A 173 -18.34 18.98 9.26
N GLN A 174 -17.65 19.49 10.28
CA GLN A 174 -16.46 20.30 10.07
C GLN A 174 -15.18 19.52 10.28
N GLU A 175 -15.27 18.22 10.61
CA GLU A 175 -14.09 17.49 11.06
C GLU A 175 -13.02 17.43 9.99
N THR A 176 -13.38 17.07 8.76
CA THR A 176 -12.38 16.99 7.71
C THR A 176 -11.79 18.37 7.43
N ASN A 177 -12.61 19.41 7.55
CA ASN A 177 -12.12 20.77 7.34
C ASN A 177 -11.08 21.14 8.39
N VAL A 178 -11.38 20.92 9.66
CA VAL A 178 -10.42 21.20 10.71
C VAL A 178 -9.21 20.28 10.57
N SER A 179 -9.45 19.02 10.23
CA SER A 179 -8.36 18.08 10.04
C SER A 179 -7.38 18.56 8.97
N MET A 180 -7.90 19.10 7.87
CA MET A 180 -7.01 19.54 6.80
C MET A 180 -6.20 20.75 7.23
N SER A 181 -6.81 21.70 7.93
CA SER A 181 -6.04 22.81 8.47
C SER A 181 -5.01 22.31 9.46
N PHE A 182 -5.39 21.36 10.31
CA PHE A 182 -4.46 20.82 11.30
C PHE A 182 -3.24 20.21 10.62
N ILE A 183 -3.48 19.39 9.58
CA ILE A 183 -2.35 18.78 8.87
C ILE A 183 -1.51 19.84 8.17
N TRP A 184 -2.17 20.76 7.45
CA TRP A 184 -1.43 21.74 6.67
C TRP A 184 -0.62 22.68 7.53
N GLN A 185 -1.12 23.02 8.72
CA GLN A 185 -0.51 24.08 9.52
C GLN A 185 0.27 23.55 10.72
N SER A 186 0.33 22.23 10.89
CA SER A 186 1.26 21.63 11.85
C SER A 186 2.71 21.98 11.48
N ALA A 187 3.60 21.79 12.44
CA ALA A 187 5.01 21.97 12.17
C ALA A 187 5.41 21.07 11.00
N PRO A 188 6.35 21.50 10.14
CA PRO A 188 6.56 20.80 8.86
C PRO A 188 6.87 19.32 8.98
N ASP A 189 7.73 18.92 9.92
CA ASP A 189 8.02 17.49 10.10
C ASP A 189 6.75 16.72 10.42
N ILE A 190 5.90 17.27 11.29
CA ILE A 190 4.68 16.59 11.67
C ILE A 190 3.72 16.53 10.49
N GLY A 191 3.52 17.66 9.81
CA GLY A 191 2.56 17.69 8.71
C GLY A 191 2.92 16.72 7.61
N ARG A 192 4.22 16.63 7.28
CA ARG A 192 4.65 15.69 6.25
C ARG A 192 4.36 14.26 6.64
N LYS A 193 4.49 13.93 7.94
CA LYS A 193 4.22 12.55 8.34
C LYS A 193 2.73 12.26 8.42
N LEU A 194 1.93 13.22 8.91
CA LEU A 194 0.49 13.02 8.95
C LEU A 194 -0.07 12.83 7.55
N GLU A 195 0.44 13.60 6.60
CA GLU A 195 0.03 13.47 5.21
C GLU A 195 0.30 12.08 4.66
N ARG A 196 1.36 11.42 5.14
CA ARG A 196 1.74 10.08 4.66
C ARG A 196 1.07 8.94 5.42
N LEU A 197 0.21 9.23 6.40
CA LEU A 197 -0.42 8.16 7.18
C LEU A 197 -1.21 7.22 6.27
N GLU A 198 -1.12 5.92 6.57
CA GLU A 198 -1.95 4.96 5.87
C GLU A 198 -3.40 5.12 6.30
N ASP A 199 -4.32 4.93 5.35
CA ASP A 199 -5.74 5.17 5.54
C ASP A 199 -5.98 6.53 6.21
N LEU A 200 -5.41 7.58 5.61
CA LEU A 200 -5.56 8.93 6.15
C LEU A 200 -7.02 9.34 6.24
N LYS A 201 -7.81 9.01 5.22
CA LYS A 201 -9.23 9.35 5.21
C LYS A 201 -9.95 8.85 6.47
N SER A 202 -9.45 7.77 7.07
CA SER A 202 -10.08 7.13 8.21
C SER A 202 -9.70 7.76 9.54
N LYS A 203 -8.77 8.70 9.55
CA LYS A 203 -8.28 9.26 10.80
C LYS A 203 -9.21 10.35 11.30
N THR A 204 -9.66 10.21 12.54
CA THR A 204 -10.37 11.31 13.18
C THR A 204 -9.39 12.41 13.59
N LEU A 205 -9.96 13.56 13.94
CA LEU A 205 -9.17 14.64 14.52
C LEU A 205 -8.38 14.15 15.72
N GLY A 206 -9.03 13.35 16.59
CA GLY A 206 -8.32 12.75 17.71
C GLY A 206 -7.20 11.83 17.28
N ASP A 207 -7.42 11.04 16.24
CA ASP A 207 -6.35 10.19 15.72
C ASP A 207 -5.17 11.03 15.26
N LEU A 208 -5.45 12.09 14.49
CA LEU A 208 -4.39 12.92 13.97
C LEU A 208 -3.58 13.56 15.09
N VAL A 209 -4.26 14.01 16.16
CA VAL A 209 -3.53 14.59 17.29
C VAL A 209 -2.62 13.54 17.92
N ARG A 210 -3.11 12.31 18.07
CA ARG A 210 -2.28 11.26 18.66
C ARG A 210 -1.09 10.93 17.79
N GLU A 211 -1.28 10.89 16.46
CA GLU A 211 -0.16 10.63 15.55
C GLU A 211 0.85 11.78 15.59
N ALA A 212 0.36 13.01 15.66
CA ALA A 212 1.27 14.15 15.74
C ALA A 212 2.05 14.12 17.05
N GLU A 213 1.40 13.69 18.13
CA GLU A 213 2.08 13.60 19.42
C GLU A 213 3.21 12.59 19.38
N LYS A 214 3.01 11.47 18.67
CA LYS A 214 4.09 10.49 18.54
C LYS A 214 5.33 11.11 17.91
N ILE A 215 5.13 11.91 16.86
CA ILE A 215 6.26 12.61 16.23
C ILE A 215 6.82 13.68 17.17
N PHE A 216 5.95 14.44 17.82
CA PHE A 216 6.39 15.54 18.67
C PHE A 216 7.20 15.04 19.86
N ASN A 217 6.63 13.97 20.44
CA ASN A 217 7.14 13.19 21.61
C ASN A 217 8.43 12.48 21.20
N LYS A 218 8.76 12.53 19.90
CA LYS A 218 10.03 12.00 19.35
C LYS A 218 10.93 13.21 19.07
N ARG A 219 10.70 14.30 19.81
CA ARG A 219 11.35 15.64 19.69
C ARG A 219 12.88 15.58 19.56
N GLU A 220 13.50 14.45 19.94
CA GLU A 220 14.99 14.30 19.86
C GLU A 220 15.71 15.40 20.65
N THR A 221 15.51 15.41 21.97
CA THR A 221 16.12 16.30 22.94
C THR A 221 17.33 17.04 22.40
N PRO A 222 17.45 18.31 22.78
CA PRO A 222 18.57 19.14 22.35
C PRO A 222 19.86 18.51 22.86
N GLU A 223 19.86 18.12 24.12
CA GLU A 223 21.01 17.47 24.73
C GLU A 223 21.39 16.25 23.92
N GLU A 224 20.42 15.41 23.62
CA GLU A 224 20.66 14.20 22.83
C GLU A 224 21.32 14.54 21.50
N ARG A 225 20.75 15.51 20.79
CA ARG A 225 21.29 15.91 19.50
C ARG A 225 22.73 16.37 19.62
N GLU A 226 23.00 17.20 20.63
CA GLU A 226 24.34 17.72 20.87
C GLU A 226 25.32 16.59 21.13
N GLU A 227 24.89 15.62 21.93
CA GLU A 227 25.71 14.48 22.27
C GLU A 227 26.06 13.72 21.00
N ARG A 228 25.04 13.50 20.17
CA ARG A 228 25.24 12.81 18.90
C ARG A 228 26.29 13.54 18.07
N ILE A 229 26.13 14.86 17.96
CA ILE A 229 27.08 15.68 17.21
C ILE A 229 28.49 15.49 17.73
N ARG A 230 28.66 15.59 19.05
CA ARG A 230 29.95 15.42 19.67
C ARG A 230 30.55 14.08 19.28
N ARG A 231 29.76 13.03 19.44
CA ARG A 231 30.18 11.69 19.09
C ARG A 231 30.19 11.50 17.58
N GLU A 232 29.94 12.58 16.85
CA GLU A 232 29.91 12.54 15.39
C GLU A 232 31.21 11.95 14.84
N THR A 233 32.33 12.54 15.24
CA THR A 233 33.66 12.09 14.81
C THR A 233 33.74 11.92 13.29
N GLU A 234 33.30 12.93 12.56
CA GLU A 234 33.33 12.89 11.10
C GLU A 234 34.04 14.11 10.52
N GLU A 235 34.54 14.96 11.41
CA GLU A 235 35.26 16.18 11.03
C GLU A 235 34.50 16.99 9.99
N LYS A 236 35.17 17.28 8.86
CA LYS A 236 34.57 18.06 7.76
C LYS A 236 33.63 17.15 6.95
N PRO B 1 -18.83 -5.65 -29.48
CA PRO B 1 -20.01 -4.79 -29.15
C PRO B 1 -21.34 -5.50 -29.36
N LEU B 2 -22.38 -5.05 -28.66
CA LEU B 2 -23.72 -5.57 -28.83
C LEU B 2 -24.65 -4.39 -29.09
N ARG B 3 -25.67 -4.60 -29.91
CA ARG B 3 -26.70 -3.60 -30.09
C ARG B 3 -28.04 -4.30 -30.33
N MET B 4 -29.13 -3.62 -30.02
CA MET B 4 -30.45 -4.21 -30.24
C MET B 4 -30.73 -4.16 -31.74
N GLY B 5 -30.89 -5.33 -32.35
CA GLY B 5 -31.13 -5.40 -33.78
C GLY B 5 -32.53 -4.93 -34.14
N GLY B 6 -32.77 -4.80 -35.45
CA GLY B 6 -34.08 -4.37 -35.93
C GLY B 6 -35.16 -5.38 -35.65
N ASN B 7 -34.76 -6.59 -35.26
CA ASN B 7 -35.69 -7.68 -34.98
C ASN B 7 -35.92 -7.90 -33.48
N GLY B 8 -35.46 -6.96 -32.66
CA GLY B 8 -35.64 -7.06 -31.22
C GLY B 8 -34.69 -8.03 -30.56
N GLN B 9 -33.63 -8.40 -31.26
CA GLN B 9 -32.66 -9.35 -30.73
C GLN B 9 -31.26 -8.71 -30.73
N LEU B 10 -30.49 -8.96 -29.67
CA LEU B 10 -29.13 -8.42 -29.59
C LEU B 10 -28.30 -8.95 -30.77
N GLN B 11 -27.39 -8.11 -31.25
CA GLN B 11 -26.57 -8.45 -32.41
C GLN B 11 -25.14 -8.16 -32.01
N TYR B 12 -24.22 -9.08 -32.31
CA TYR B 12 -22.82 -8.87 -31.94
C TYR B 12 -21.91 -8.52 -33.12
N TRP B 13 -20.95 -7.63 -32.88
CA TRP B 13 -19.88 -7.40 -33.85
C TRP B 13 -18.61 -7.02 -33.07
N PRO B 14 -17.44 -7.45 -33.55
CA PRO B 14 -16.20 -7.12 -32.86
C PRO B 14 -15.84 -5.66 -33.03
N PHE B 15 -15.08 -5.12 -32.08
CA PHE B 15 -14.60 -3.77 -32.15
C PHE B 15 -13.76 -3.62 -33.41
N SER B 16 -13.89 -2.47 -34.07
CA SER B 16 -12.98 -2.15 -35.14
C SER B 16 -11.66 -1.81 -34.45
N SER B 17 -10.54 -2.30 -34.98
CA SER B 17 -9.27 -1.97 -34.33
C SER B 17 -8.98 -0.48 -34.43
N SER B 18 -9.54 0.19 -35.43
CA SER B 18 -9.33 1.63 -35.57
C SER B 18 -9.90 2.39 -34.39
N ASP B 19 -11.05 1.95 -33.87
CA ASP B 19 -11.63 2.59 -32.68
C ASP B 19 -10.72 2.38 -31.49
N LEU B 20 -10.31 1.13 -31.27
CA LEU B 20 -9.47 0.84 -30.12
C LEU B 20 -8.18 1.65 -30.15
N TYR B 21 -7.50 1.64 -31.27
CA TYR B 21 -6.24 2.39 -31.37
C TYR B 21 -6.44 3.91 -31.34
N ASN B 22 -7.58 4.38 -31.85
CA ASN B 22 -7.86 5.81 -31.79
C ASN B 22 -8.05 6.24 -30.33
N TRP B 23 -8.78 5.42 -29.59
CA TRP B 23 -9.03 5.73 -28.17
C TRP B 23 -7.70 5.79 -27.44
N LYS B 24 -6.85 4.81 -27.69
CA LYS B 24 -5.53 4.77 -27.08
C LYS B 24 -4.73 6.02 -27.43
N ASN B 25 -4.65 6.31 -28.73
CA ASN B 25 -3.77 7.39 -29.19
C ASN B 25 -4.22 8.80 -28.86
N ASN B 26 -5.49 8.96 -28.52
CA ASN B 26 -6.02 10.30 -28.23
C ASN B 26 -6.14 10.58 -26.74
N ASN B 27 -5.51 9.73 -25.94
CA ASN B 27 -5.54 9.89 -24.50
C ASN B 27 -4.20 9.60 -23.86
N PRO B 28 -3.98 10.18 -22.69
CA PRO B 28 -2.78 9.88 -21.91
C PRO B 28 -2.91 8.43 -21.44
N SER B 29 -1.81 7.87 -20.95
CA SER B 29 -1.85 6.53 -20.41
C SER B 29 -2.65 6.59 -19.12
N PHE B 30 -3.11 5.42 -18.67
CA PHE B 30 -3.87 5.34 -17.44
C PHE B 30 -3.05 5.88 -16.27
N SER B 31 -1.78 5.51 -16.25
CA SER B 31 -0.88 5.93 -15.17
C SER B 31 -0.70 7.45 -15.12
N GLU B 32 -0.57 8.06 -16.29
CA GLU B 32 -0.38 9.50 -16.39
C GLU B 32 -1.56 10.29 -15.86
N ASP B 33 -2.77 9.83 -16.18
CA ASP B 33 -3.98 10.55 -15.84
C ASP B 33 -5.13 9.58 -15.97
N PRO B 34 -5.42 8.84 -14.89
CA PRO B 34 -6.43 7.77 -14.94
C PRO B 34 -7.81 8.24 -15.35
N GLY B 35 -8.17 9.47 -15.01
CA GLY B 35 -9.48 10.00 -15.32
C GLY B 35 -9.84 9.94 -16.80
N LYS B 36 -8.86 10.20 -17.65
CA LYS B 36 -9.08 10.22 -19.11
C LYS B 36 -9.64 8.90 -19.62
N LEU B 37 -8.84 7.84 -19.53
CA LEU B 37 -9.26 6.54 -20.01
C LEU B 37 -10.46 5.99 -19.23
N THR B 38 -10.52 6.27 -17.93
CA THR B 38 -11.66 5.77 -17.15
C THR B 38 -12.97 6.33 -17.72
N ALA B 39 -13.00 7.62 -18.04
CA ALA B 39 -14.21 8.26 -18.56
C ALA B 39 -14.53 7.72 -19.96
N LEU B 40 -13.50 7.49 -20.76
CA LEU B 40 -13.70 6.96 -22.10
C LEU B 40 -14.29 5.54 -22.01
N ILE B 41 -13.68 4.70 -21.18
CA ILE B 41 -14.17 3.34 -21.00
C ILE B 41 -15.56 3.31 -20.38
N GLU B 42 -15.84 4.17 -19.42
CA GLU B 42 -17.19 4.21 -18.84
C GLU B 42 -18.23 4.46 -19.93
N SER B 43 -17.91 5.37 -20.85
CA SER B 43 -18.80 5.71 -21.95
C SER B 43 -18.99 4.52 -22.88
N VAL B 44 -17.87 3.94 -23.31
CA VAL B 44 -17.90 2.80 -24.23
C VAL B 44 -18.65 1.59 -23.65
N LEU B 45 -18.47 1.37 -22.34
CA LEU B 45 -19.15 0.27 -21.69
C LEU B 45 -20.66 0.42 -21.90
N THR B 46 -21.13 1.65 -21.99
CA THR B 46 -22.55 1.87 -22.25
C THR B 46 -22.93 1.84 -23.73
N THR B 47 -22.25 2.65 -24.55
CA THR B 47 -22.64 2.73 -25.95
C THR B 47 -22.35 1.48 -26.74
N HIS B 48 -21.27 0.79 -26.39
CA HIS B 48 -20.87 -0.39 -27.16
C HIS B 48 -21.32 -1.72 -26.53
N GLN B 49 -21.83 -1.65 -25.30
CA GLN B 49 -22.36 -2.84 -24.62
C GLN B 49 -21.44 -4.07 -24.81
N PRO B 50 -20.17 -3.92 -24.47
CA PRO B 50 -19.19 -4.99 -24.73
C PRO B 50 -19.46 -6.29 -23.98
N THR B 51 -19.11 -7.41 -24.59
CA THR B 51 -19.16 -8.71 -23.92
C THR B 51 -17.90 -8.84 -23.05
N TRP B 52 -17.73 -9.97 -22.38
CA TRP B 52 -16.55 -10.18 -21.54
C TRP B 52 -15.29 -10.17 -22.42
N ASP B 53 -15.35 -10.84 -23.56
CA ASP B 53 -14.20 -10.79 -24.48
C ASP B 53 -13.92 -9.39 -24.98
N ASP B 54 -14.97 -8.62 -25.28
CA ASP B 54 -14.76 -7.26 -25.73
C ASP B 54 -14.04 -6.48 -24.63
N CYS B 55 -14.44 -6.67 -23.38
CA CYS B 55 -13.79 -5.97 -22.29
C CYS B 55 -12.31 -6.34 -22.19
N GLN B 56 -11.97 -7.59 -22.48
CA GLN B 56 -10.57 -7.98 -22.45
C GLN B 56 -9.79 -7.21 -23.51
N GLN B 57 -10.39 -6.97 -24.68
CA GLN B 57 -9.71 -6.19 -25.73
C GLN B 57 -9.56 -4.75 -25.35
N LEU B 58 -10.60 -4.20 -24.75
CA LEU B 58 -10.52 -2.84 -24.27
C LEU B 58 -9.35 -2.68 -23.32
N LEU B 59 -9.36 -3.48 -22.26
CA LEU B 59 -8.32 -3.42 -21.24
C LEU B 59 -6.96 -3.73 -21.82
N GLY B 60 -6.91 -4.80 -22.60
CA GLY B 60 -5.66 -5.25 -23.18
C GLY B 60 -5.04 -4.22 -24.09
N THR B 61 -5.87 -3.42 -24.75
CA THR B 61 -5.37 -2.43 -25.70
C THR B 61 -5.07 -1.09 -25.05
N LEU B 62 -5.85 -0.70 -24.06
CA LEU B 62 -5.71 0.64 -23.50
C LEU B 62 -4.81 0.70 -22.27
N LEU B 63 -4.61 -0.43 -21.62
CA LEU B 63 -3.81 -0.46 -20.41
C LEU B 63 -2.54 -1.28 -20.59
N THR B 64 -1.50 -0.96 -19.83
CA THR B 64 -0.31 -1.79 -19.83
C THR B 64 -0.61 -3.04 -19.00
N GLY B 65 0.30 -4.00 -19.04
CA GLY B 65 0.12 -5.22 -18.27
C GLY B 65 -0.06 -4.93 -16.78
N GLU B 66 0.72 -3.99 -16.26
CA GLU B 66 0.72 -3.65 -14.85
C GLU B 66 -0.52 -2.87 -14.45
N GLU B 67 -1.01 -2.04 -15.37
CA GLU B 67 -2.21 -1.26 -15.12
C GLU B 67 -3.44 -2.17 -15.10
N LYS B 68 -3.52 -3.06 -16.09
CA LYS B 68 -4.65 -3.99 -16.22
C LYS B 68 -4.74 -4.84 -14.95
N GLN B 69 -3.60 -5.30 -14.48
CA GLN B 69 -3.57 -6.14 -13.29
C GLN B 69 -4.13 -5.40 -12.09
N ARG B 70 -3.74 -4.15 -11.94
CA ARG B 70 -4.20 -3.34 -10.84
C ARG B 70 -5.72 -3.23 -10.94
N VAL B 71 -6.19 -2.89 -12.13
CA VAL B 71 -7.61 -2.74 -12.37
C VAL B 71 -8.40 -4.02 -12.08
N LEU B 72 -7.90 -5.15 -12.55
CA LEU B 72 -8.60 -6.42 -12.33
C LEU B 72 -8.71 -6.81 -10.85
N LEU B 73 -7.65 -6.56 -10.09
CA LEU B 73 -7.69 -6.92 -8.67
C LEU B 73 -8.59 -5.94 -7.94
N GLU B 74 -8.60 -4.70 -8.40
CA GLU B 74 -9.45 -3.68 -7.81
C GLU B 74 -10.92 -4.01 -8.10
N ALA B 75 -11.19 -4.55 -9.29
CA ALA B 75 -12.54 -4.92 -9.66
C ALA B 75 -13.03 -6.10 -8.83
N ARG B 76 -12.16 -7.06 -8.61
CA ARG B 76 -12.54 -8.21 -7.80
C ARG B 76 -12.75 -7.79 -6.34
N LYS B 77 -12.01 -6.80 -5.88
CA LYS B 77 -12.16 -6.27 -4.52
C LYS B 77 -13.46 -5.49 -4.35
N ALA B 78 -14.09 -5.15 -5.47
CA ALA B 78 -15.32 -4.37 -5.43
C ALA B 78 -16.56 -5.24 -5.42
N VAL B 79 -16.39 -6.56 -5.55
CA VAL B 79 -17.51 -7.48 -5.57
C VAL B 79 -18.20 -7.49 -4.20
N ARG B 80 -19.53 -7.55 -4.22
CA ARG B 80 -20.34 -7.56 -3.02
C ARG B 80 -21.16 -8.82 -2.99
N GLY B 81 -21.36 -9.36 -1.80
CA GLY B 81 -22.24 -10.51 -1.62
C GLY B 81 -23.68 -10.04 -1.62
N ASN B 82 -24.60 -10.97 -1.42
CA ASN B 82 -26.01 -10.67 -1.45
C ASN B 82 -26.47 -9.81 -0.27
N ASP B 83 -25.56 -9.62 0.68
CA ASP B 83 -25.85 -8.81 1.87
C ASP B 83 -25.27 -7.40 1.69
N GLY B 84 -24.87 -7.09 0.45
CA GLY B 84 -24.31 -5.80 0.10
C GLY B 84 -22.95 -5.46 0.67
N ARG B 85 -22.28 -6.44 1.25
CA ARG B 85 -20.97 -6.22 1.85
C ARG B 85 -19.86 -6.87 1.04
N PRO B 86 -18.63 -6.41 1.21
CA PRO B 86 -17.51 -7.00 0.48
C PRO B 86 -17.41 -8.48 0.79
N THR B 87 -16.86 -9.21 -0.17
CA THR B 87 -16.68 -10.64 0.01
C THR B 87 -15.40 -11.02 -0.69
N GLN B 88 -14.65 -11.92 -0.05
CA GLN B 88 -13.42 -12.44 -0.63
C GLN B 88 -13.59 -13.93 -0.86
N LEU B 89 -14.83 -14.41 -0.82
CA LEU B 89 -15.13 -15.81 -1.09
C LEU B 89 -14.90 -16.14 -2.56
N PRO B 90 -13.88 -16.95 -2.84
CA PRO B 90 -13.49 -17.27 -4.23
C PRO B 90 -14.63 -17.48 -5.19
N ASN B 91 -15.62 -18.30 -4.83
CA ASN B 91 -16.73 -18.58 -5.72
C ASN B 91 -17.58 -17.37 -6.05
N GLU B 92 -17.75 -16.48 -5.07
CA GLU B 92 -18.53 -15.28 -5.28
C GLU B 92 -17.72 -14.31 -6.13
N VAL B 93 -16.45 -14.15 -5.80
CA VAL B 93 -15.60 -13.25 -6.56
C VAL B 93 -15.49 -13.70 -8.01
N ASP B 94 -15.26 -15.00 -8.21
CA ASP B 94 -15.12 -15.58 -9.55
C ASP B 94 -16.40 -15.46 -10.36
N ALA B 95 -17.54 -15.64 -9.71
CA ALA B 95 -18.83 -15.59 -10.38
C ALA B 95 -19.17 -14.19 -10.87
N ALA B 96 -18.77 -13.18 -10.09
CA ALA B 96 -19.06 -11.80 -10.47
C ALA B 96 -18.05 -11.29 -11.48
N PHE B 97 -16.78 -11.48 -11.19
CA PHE B 97 -15.74 -10.96 -12.05
C PHE B 97 -14.71 -12.03 -12.39
N PRO B 98 -15.06 -12.89 -13.33
CA PRO B 98 -14.19 -13.99 -13.76
C PRO B 98 -12.95 -13.53 -14.50
N LEU B 99 -11.82 -14.17 -14.20
CA LEU B 99 -10.55 -13.89 -14.84
C LEU B 99 -10.39 -14.71 -16.14
N GLU B 100 -11.17 -15.78 -16.24
CA GLU B 100 -11.18 -16.60 -17.44
C GLU B 100 -12.57 -16.53 -18.05
N ARG B 101 -12.64 -16.70 -19.38
CA ARG B 101 -13.89 -16.62 -20.12
C ARG B 101 -15.06 -17.36 -19.47
N PRO B 102 -16.11 -16.62 -19.15
CA PRO B 102 -17.33 -17.19 -18.56
C PRO B 102 -18.27 -17.70 -19.65
N ASP B 103 -19.29 -18.47 -19.26
CA ASP B 103 -20.24 -19.02 -20.24
C ASP B 103 -21.45 -18.14 -20.41
N TRP B 104 -21.30 -16.84 -20.17
CA TRP B 104 -22.42 -15.92 -20.25
C TRP B 104 -22.99 -15.83 -21.66
N ASP B 105 -24.30 -16.06 -21.77
CA ASP B 105 -25.00 -16.02 -23.04
C ASP B 105 -25.83 -14.73 -23.10
N TYR B 106 -25.44 -13.79 -23.98
CA TYR B 106 -26.15 -12.51 -24.03
C TYR B 106 -27.59 -12.61 -24.47
N THR B 107 -28.01 -13.76 -25.03
CA THR B 107 -29.40 -13.91 -25.40
C THR B 107 -30.26 -14.30 -24.19
N THR B 108 -29.64 -14.44 -23.03
CA THR B 108 -30.39 -14.79 -21.82
C THR B 108 -30.34 -13.69 -20.77
N GLN B 109 -31.45 -13.51 -20.05
CA GLN B 109 -31.51 -12.51 -18.98
C GLN B 109 -30.41 -12.77 -17.96
N ARG B 110 -30.10 -14.04 -17.75
CA ARG B 110 -29.03 -14.42 -16.84
C ARG B 110 -27.70 -13.89 -17.35
N GLY B 111 -27.43 -14.12 -18.63
CA GLY B 111 -26.19 -13.66 -19.23
C GLY B 111 -26.09 -12.15 -19.21
N ARG B 112 -27.19 -11.49 -19.57
CA ARG B 112 -27.21 -10.03 -19.59
C ARG B 112 -26.93 -9.45 -18.23
N ASN B 113 -27.56 -9.98 -17.18
CA ASN B 113 -27.34 -9.45 -15.84
C ASN B 113 -25.88 -9.58 -15.39
N HIS B 114 -25.27 -10.72 -15.67
CA HIS B 114 -23.85 -10.88 -15.37
C HIS B 114 -23.01 -9.84 -16.12
N LEU B 115 -23.38 -9.57 -17.37
CA LEU B 115 -22.63 -8.63 -18.19
C LEU B 115 -22.75 -7.23 -17.58
N VAL B 116 -23.96 -6.87 -17.20
CA VAL B 116 -24.18 -5.58 -16.55
C VAL B 116 -23.27 -5.42 -15.34
N LEU B 117 -23.32 -6.41 -14.45
CA LEU B 117 -22.52 -6.40 -13.23
C LEU B 117 -21.04 -6.36 -13.54
N TYR B 118 -20.63 -7.16 -14.51
CA TYR B 118 -19.21 -7.20 -14.88
C TYR B 118 -18.74 -5.81 -15.28
N ARG B 119 -19.51 -5.15 -16.13
CA ARG B 119 -19.15 -3.82 -16.59
C ARG B 119 -19.12 -2.84 -15.43
N GLN B 120 -20.08 -2.95 -14.52
CA GLN B 120 -20.11 -2.07 -13.37
C GLN B 120 -18.86 -2.26 -12.53
N LEU B 121 -18.47 -3.52 -12.33
CA LEU B 121 -17.29 -3.81 -11.52
C LEU B 121 -16.01 -3.39 -12.20
N LEU B 122 -15.98 -3.51 -13.52
CA LEU B 122 -14.81 -3.10 -14.27
C LEU B 122 -14.62 -1.62 -14.04
N LEU B 123 -15.71 -0.85 -14.13
CA LEU B 123 -15.62 0.60 -13.93
C LEU B 123 -15.13 0.92 -12.53
N ALA B 124 -15.68 0.20 -11.55
CA ALA B 124 -15.28 0.42 -10.17
C ALA B 124 -13.79 0.15 -10.03
N GLY B 125 -13.33 -0.93 -10.65
CA GLY B 125 -11.93 -1.30 -10.59
C GLY B 125 -11.05 -0.18 -11.11
N MET B 126 -11.43 0.39 -12.24
CA MET B 126 -10.65 1.47 -12.82
C MET B 126 -10.68 2.70 -11.91
N GLN B 127 -11.85 3.01 -11.37
CA GLN B 127 -11.96 4.18 -10.52
C GLN B 127 -11.06 4.06 -9.30
N ASN B 128 -11.04 2.88 -8.71
CA ASN B 128 -10.24 2.64 -7.52
C ASN B 128 -8.74 2.47 -7.81
N ALA B 129 -8.42 1.85 -8.93
CA ALA B 129 -7.02 1.68 -9.32
C ALA B 129 -6.42 3.04 -9.63
N GLY B 130 -7.23 3.94 -10.20
CA GLY B 130 -6.75 5.28 -10.43
C GLY B 130 -6.67 6.00 -9.08
N ARG B 131 -6.58 5.21 -8.01
CA ARG B 131 -6.51 5.76 -6.63
C ARG B 131 -5.07 5.64 -6.09
N SER B 132 -4.18 6.51 -6.55
CA SER B 132 -2.76 6.50 -6.10
C SER B 132 -2.72 6.61 -4.57
N PRO B 133 -2.30 5.56 -3.82
CA PRO B 133 -2.28 5.65 -2.36
C PRO B 133 -2.53 7.08 -1.89
N THR B 134 -3.29 7.23 -0.79
CA THR B 134 -3.60 8.55 -0.24
C THR B 134 -2.34 9.34 0.02
N ASN B 135 -2.34 10.59 -0.45
CA ASN B 135 -1.17 11.46 -0.42
C ASN B 135 -1.69 12.89 -0.37
N LEU B 136 -1.94 13.40 0.85
CA LEU B 136 -2.52 14.74 0.97
C LEU B 136 -1.62 15.81 0.41
N ALA B 137 -0.30 15.62 0.50
CA ALA B 137 0.62 16.59 -0.06
C ALA B 137 0.32 16.90 -1.52
N LYS B 138 -0.19 15.91 -2.26
CA LYS B 138 -0.50 16.15 -3.67
C LYS B 138 -1.65 17.12 -3.80
N VAL B 139 -2.63 17.03 -2.90
CA VAL B 139 -3.74 17.97 -2.93
C VAL B 139 -3.27 19.36 -2.55
N LYS B 140 -2.43 19.47 -1.50
CA LYS B 140 -1.94 20.79 -1.12
C LYS B 140 -1.04 21.38 -2.18
N GLY B 141 -0.44 20.55 -3.04
CA GLY B 141 0.43 21.05 -4.06
C GLY B 141 -0.25 21.61 -5.29
N ILE B 142 -1.58 21.57 -5.37
CA ILE B 142 -2.30 22.12 -6.53
C ILE B 142 -2.46 23.62 -6.28
N THR B 143 -1.68 24.45 -6.96
CA THR B 143 -1.77 25.90 -6.77
C THR B 143 -2.12 26.56 -8.09
N GLN B 144 -3.00 27.56 -8.04
CA GLN B 144 -3.45 28.21 -9.26
C GLN B 144 -2.27 28.90 -9.95
N GLY B 145 -2.11 28.64 -11.25
CA GLY B 145 -1.10 29.28 -12.04
C GLY B 145 -1.45 30.73 -12.33
N PRO B 146 -0.44 31.54 -12.67
CA PRO B 146 -0.69 32.98 -12.86
C PRO B 146 -1.61 33.28 -14.03
N ASN B 147 -1.69 32.40 -15.03
CA ASN B 147 -2.59 32.58 -16.16
C ASN B 147 -3.80 31.67 -16.09
N GLU B 148 -3.91 30.87 -15.05
CA GLU B 148 -4.91 29.81 -14.98
C GLU B 148 -6.25 30.36 -14.46
N SER B 149 -7.31 30.09 -15.19
CA SER B 149 -8.64 30.52 -14.78
C SER B 149 -9.06 29.80 -13.50
N PRO B 150 -9.91 30.42 -12.69
CA PRO B 150 -10.39 29.75 -11.47
C PRO B 150 -11.10 28.44 -11.73
N SER B 151 -11.87 28.33 -12.81
CA SER B 151 -12.55 27.07 -13.07
C SER B 151 -11.58 25.99 -13.50
N ALA B 152 -10.53 26.36 -14.26
CA ALA B 152 -9.54 25.37 -14.66
C ALA B 152 -8.75 24.88 -13.45
N PHE B 153 -8.39 25.81 -12.57
CA PHE B 153 -7.72 25.45 -11.33
C PHE B 153 -8.59 24.54 -10.48
N LEU B 154 -9.87 24.88 -10.33
CA LEU B 154 -10.74 24.02 -9.53
C LEU B 154 -10.81 22.61 -10.09
N GLU B 155 -10.86 22.46 -11.43
CA GLU B 155 -10.89 21.12 -11.98
C GLU B 155 -9.60 20.35 -11.67
N ARG B 156 -8.44 21.01 -11.75
CA ARG B 156 -7.20 20.34 -11.37
C ARG B 156 -7.21 19.96 -9.89
N LEU B 157 -7.76 20.84 -9.04
CA LEU B 157 -7.82 20.54 -7.61
C LEU B 157 -8.72 19.34 -7.34
N LYS B 158 -9.87 19.28 -8.03
CA LYS B 158 -10.76 18.14 -7.85
C LYS B 158 -10.09 16.86 -8.35
N GLU B 159 -9.35 16.93 -9.45
CA GLU B 159 -8.64 15.75 -9.95
C GLU B 159 -7.66 15.22 -8.91
N ALA B 160 -7.00 16.10 -8.18
CA ALA B 160 -6.06 15.65 -7.15
C ALA B 160 -6.79 14.99 -5.99
N TYR B 161 -7.91 15.56 -5.54
CA TYR B 161 -8.75 14.89 -4.55
C TYR B 161 -9.11 13.48 -5.01
N ARG B 162 -9.57 13.34 -6.26
CA ARG B 162 -9.96 12.02 -6.76
C ARG B 162 -8.79 11.05 -6.74
N ARG B 163 -7.63 11.50 -7.22
CA ARG B 163 -6.54 10.55 -7.42
C ARG B 163 -5.84 10.21 -6.12
N TYR B 164 -5.71 11.19 -5.21
CA TYR B 164 -4.83 11.07 -4.07
C TYR B 164 -5.52 11.11 -2.71
N THR B 165 -6.85 11.11 -2.66
CA THR B 165 -7.56 10.96 -1.41
C THR B 165 -8.70 9.98 -1.61
N PRO B 166 -9.28 9.46 -0.52
CA PRO B 166 -10.54 8.70 -0.62
C PRO B 166 -11.78 9.58 -0.68
N TYR B 167 -11.66 10.90 -0.72
CA TYR B 167 -12.82 11.78 -0.68
C TYR B 167 -13.24 12.17 -2.09
N ASP B 168 -14.54 12.09 -2.36
CA ASP B 168 -15.11 12.52 -3.64
C ASP B 168 -15.34 14.02 -3.57
N PRO B 169 -14.62 14.82 -4.35
CA PRO B 169 -14.79 16.28 -4.27
C PRO B 169 -16.17 16.75 -4.71
N GLU B 170 -16.98 15.89 -5.30
CA GLU B 170 -18.33 16.27 -5.69
C GLU B 170 -19.37 15.96 -4.61
N ASP B 171 -18.97 15.30 -3.52
CA ASP B 171 -19.92 14.98 -2.45
C ASP B 171 -20.36 16.26 -1.74
N PRO B 172 -21.64 16.38 -1.39
CA PRO B 172 -22.09 17.56 -0.64
C PRO B 172 -21.36 17.73 0.67
N GLY B 173 -21.01 16.63 1.34
CA GLY B 173 -20.27 16.68 2.57
C GLY B 173 -18.82 17.10 2.44
N GLN B 174 -18.29 17.19 1.22
CA GLN B 174 -16.91 17.63 1.01
C GLN B 174 -16.81 19.08 0.57
N GLU B 175 -17.94 19.78 0.43
CA GLU B 175 -17.93 21.09 -0.21
C GLU B 175 -17.09 22.08 0.55
N THR B 176 -17.27 22.18 1.87
CA THR B 176 -16.48 23.13 2.64
C THR B 176 -15.01 22.76 2.59
N ASN B 177 -14.71 21.46 2.56
CA ASN B 177 -13.32 21.02 2.47
C ASN B 177 -12.69 21.45 1.16
N VAL B 178 -13.36 21.19 0.04
CA VAL B 178 -12.84 21.64 -1.25
C VAL B 178 -12.81 23.16 -1.31
N SER B 179 -13.83 23.81 -0.76
CA SER B 179 -13.86 25.26 -0.75
C SER B 179 -12.65 25.84 -0.04
N MET B 180 -12.27 25.25 1.10
CA MET B 180 -11.15 25.79 1.84
C MET B 180 -9.84 25.61 1.09
N SER B 181 -9.65 24.45 0.46
CA SER B 181 -8.47 24.27 -0.39
C SER B 181 -8.50 25.25 -1.55
N PHE B 182 -9.67 25.45 -2.16
CA PHE B 182 -9.78 26.38 -3.28
C PHE B 182 -9.37 27.79 -2.86
N ILE B 183 -9.88 28.25 -1.71
CA ILE B 183 -9.51 29.59 -1.23
C ILE B 183 -8.03 29.66 -0.90
N TRP B 184 -7.53 28.66 -0.16
CA TRP B 184 -6.15 28.73 0.30
C TRP B 184 -5.17 28.65 -0.86
N GLN B 185 -5.49 27.91 -1.91
CA GLN B 185 -4.52 27.61 -2.95
C GLN B 185 -4.77 28.39 -4.24
N SER B 186 -5.79 29.25 -4.27
CA SER B 186 -5.95 30.21 -5.35
C SER B 186 -4.75 31.15 -5.40
N ALA B 187 -4.61 31.83 -6.53
CA ALA B 187 -3.57 32.85 -6.64
C ALA B 187 -3.74 33.87 -5.52
N PRO B 188 -2.64 34.43 -4.99
CA PRO B 188 -2.74 35.19 -3.73
C PRO B 188 -3.73 36.34 -3.75
N ASP B 189 -3.76 37.13 -4.83
CA ASP B 189 -4.74 38.22 -4.89
C ASP B 189 -6.17 37.68 -4.78
N ILE B 190 -6.45 36.58 -5.47
CA ILE B 190 -7.79 36.01 -5.45
C ILE B 190 -8.11 35.47 -4.06
N GLY B 191 -7.19 34.69 -3.49
CA GLY B 191 -7.44 34.08 -2.20
C GLY B 191 -7.70 35.10 -1.12
N ARG B 192 -6.93 36.19 -1.12
CA ARG B 192 -7.14 37.24 -0.13
C ARG B 192 -8.52 37.87 -0.27
N LYS B 193 -9.02 38.01 -1.49
CA LYS B 193 -10.33 38.61 -1.66
C LYS B 193 -11.46 37.63 -1.32
N LEU B 194 -11.31 36.36 -1.70
CA LEU B 194 -12.32 35.36 -1.35
C LEU B 194 -12.44 35.23 0.16
N GLU B 195 -11.31 35.27 0.85
CA GLU B 195 -11.29 35.20 2.31
C GLU B 195 -12.08 36.35 2.93
N ARG B 196 -12.09 37.52 2.28
CA ARG B 196 -12.77 38.71 2.79
C ARG B 196 -14.23 38.81 2.37
N LEU B 197 -14.77 37.84 1.62
CA LEU B 197 -16.15 37.93 1.16
C LEU B 197 -17.11 38.03 2.34
N GLU B 198 -18.12 38.87 2.20
CA GLU B 198 -19.19 38.93 3.20
C GLU B 198 -20.02 37.66 3.12
N ASP B 199 -20.47 37.19 4.28
CA ASP B 199 -21.16 35.91 4.43
C ASP B 199 -20.42 34.80 3.69
N LEU B 200 -19.13 34.65 4.01
CA LEU B 200 -18.31 33.63 3.37
C LEU B 200 -18.88 32.23 3.60
N LYS B 201 -19.34 31.95 4.82
CA LYS B 201 -19.90 30.65 5.14
C LYS B 201 -21.02 30.26 4.18
N SER B 202 -21.72 31.24 3.61
CA SER B 202 -22.86 31.01 2.75
C SER B 202 -22.49 30.74 1.30
N LYS B 203 -21.22 30.87 0.94
CA LYS B 203 -20.82 30.75 -0.45
C LYS B 203 -20.65 29.28 -0.82
N THR B 204 -21.32 28.87 -1.90
CA THR B 204 -21.05 27.55 -2.45
C THR B 204 -19.74 27.56 -3.22
N LEU B 205 -19.27 26.36 -3.55
CA LEU B 205 -18.12 26.23 -4.44
C LEU B 205 -18.35 26.98 -5.74
N GLY B 206 -19.55 26.87 -6.30
CA GLY B 206 -19.88 27.65 -7.49
C GLY B 206 -19.82 29.14 -7.25
N ASP B 207 -20.30 29.61 -6.10
CA ASP B 207 -20.20 31.03 -5.77
C ASP B 207 -18.74 31.47 -5.72
N LEU B 208 -17.90 30.68 -5.05
CA LEU B 208 -16.50 31.05 -4.92
C LEU B 208 -15.83 31.12 -6.28
N VAL B 209 -16.14 30.19 -7.18
CA VAL B 209 -15.56 30.24 -8.52
C VAL B 209 -15.98 31.52 -9.23
N ARG B 210 -17.26 31.90 -9.10
CA ARG B 210 -17.73 33.10 -9.76
C ARG B 210 -17.06 34.35 -9.18
N GLU B 211 -16.88 34.39 -7.85
CA GLU B 211 -16.19 35.53 -7.24
C GLU B 211 -14.73 35.59 -7.66
N ALA B 212 -14.07 34.43 -7.76
CA ALA B 212 -12.69 34.41 -8.20
C ALA B 212 -12.59 34.85 -9.65
N GLU B 213 -13.57 34.49 -10.47
CA GLU B 213 -13.56 34.91 -11.86
C GLU B 213 -13.67 36.43 -11.99
N LYS B 214 -14.46 37.06 -11.13
CA LYS B 214 -14.56 38.52 -11.17
C LYS B 214 -13.20 39.16 -10.94
N ILE B 215 -12.43 38.65 -9.99
CA ILE B 215 -11.07 39.15 -9.75
C ILE B 215 -10.16 38.80 -10.92
N PHE B 216 -10.25 37.56 -11.41
CA PHE B 216 -9.35 37.11 -12.47
C PHE B 216 -9.56 37.89 -13.76
N ASN B 217 -10.86 38.06 -14.06
CA ASN B 217 -11.46 38.79 -15.20
C ASN B 217 -11.15 40.28 -15.06
N LYS B 218 -10.59 40.66 -13.90
CA LYS B 218 -10.12 42.04 -13.63
C LYS B 218 -8.58 42.02 -13.74
N ARG B 219 -8.07 41.06 -14.52
CA ARG B 219 -6.62 40.74 -14.72
C ARG B 219 -5.75 41.97 -14.99
N GLU B 220 -6.34 43.10 -15.38
CA GLU B 220 -5.57 44.35 -15.66
C GLU B 220 -4.49 44.12 -16.73
N THR B 221 -4.94 43.80 -17.95
CA THR B 221 -4.13 43.57 -19.14
C THR B 221 -2.72 44.13 -19.01
N PRO B 222 -1.77 43.37 -19.55
CA PRO B 222 -0.37 43.77 -19.54
C PRO B 222 -0.22 45.09 -20.28
N GLU B 223 -0.85 45.18 -21.44
CA GLU B 223 -0.82 46.39 -22.24
C GLU B 223 -1.33 47.56 -21.41
N GLU B 224 -2.48 47.37 -20.77
CA GLU B 224 -3.07 48.40 -19.93
C GLU B 224 -2.09 48.87 -18.86
N ARG B 225 -1.51 47.92 -18.15
CA ARG B 225 -0.55 48.24 -17.10
C ARG B 225 0.62 49.05 -17.64
N GLU B 226 1.16 48.61 -18.77
CA GLU B 226 2.29 49.28 -19.41
C GLU B 226 1.92 50.72 -19.76
N GLU B 227 0.73 50.89 -20.32
CA GLU B 227 0.24 52.20 -20.71
C GLU B 227 0.18 53.09 -19.49
N ARG B 228 -0.38 52.56 -18.41
CA ARG B 228 -0.48 53.30 -17.15
C ARG B 228 0.91 53.75 -16.72
N ILE B 229 1.86 52.83 -16.73
CA ILE B 229 3.23 53.14 -16.34
C ILE B 229 3.79 54.28 -17.18
N ARG B 230 3.63 54.17 -18.49
CA ARG B 230 4.10 55.19 -19.41
C ARG B 230 3.52 56.55 -19.03
N ARG B 231 2.21 56.58 -18.85
CA ARG B 231 1.50 57.79 -18.46
C ARG B 231 1.74 58.09 -16.99
N GLU B 232 2.62 57.33 -16.35
CA GLU B 232 2.94 57.51 -14.95
C GLU B 232 3.37 58.95 -14.67
N THR B 233 4.39 59.39 -15.41
CA THR B 233 4.93 60.75 -15.27
C THR B 233 5.22 61.12 -13.82
N GLU B 234 5.93 60.23 -13.13
CA GLU B 234 6.28 60.46 -11.73
C GLU B 234 7.77 60.33 -11.51
N GLU B 235 8.51 60.06 -12.60
CA GLU B 235 9.96 59.90 -12.55
C GLU B 235 10.40 58.94 -11.45
N LYS B 236 11.29 59.42 -10.58
CA LYS B 236 11.82 58.60 -9.45
C LYS B 236 10.79 58.55 -8.33
N PRO C 1 -13.00 -13.07 -40.87
CA PRO C 1 -13.77 -13.07 -39.58
C PRO C 1 -15.17 -13.67 -39.74
N LEU C 2 -15.72 -14.17 -38.64
CA LEU C 2 -17.08 -14.69 -38.62
C LEU C 2 -17.82 -13.99 -37.48
N ARG C 3 -19.11 -13.76 -37.67
CA ARG C 3 -19.95 -13.25 -36.60
C ARG C 3 -21.35 -13.83 -36.76
N MET C 4 -22.09 -13.90 -35.66
CA MET C 4 -23.45 -14.41 -35.72
C MET C 4 -24.31 -13.33 -36.34
N GLY C 5 -24.90 -13.62 -37.49
CA GLY C 5 -25.74 -12.65 -38.18
C GLY C 5 -27.05 -12.42 -37.47
N GLY C 6 -27.81 -11.43 -37.94
CA GLY C 6 -29.10 -11.11 -37.36
C GLY C 6 -30.13 -12.20 -37.59
N ASN C 7 -29.79 -13.13 -38.48
CA ASN C 7 -30.69 -14.23 -38.81
C ASN C 7 -30.30 -15.56 -38.14
N GLY C 8 -29.39 -15.49 -37.18
CA GLY C 8 -28.96 -16.67 -36.45
C GLY C 8 -28.00 -17.55 -37.23
N GLN C 9 -27.41 -16.99 -38.27
CA GLN C 9 -26.47 -17.73 -39.10
C GLN C 9 -25.12 -17.01 -39.14
N LEU C 10 -24.03 -17.76 -39.10
CA LEU C 10 -22.70 -17.16 -39.16
C LEU C 10 -22.53 -16.40 -40.47
N GLN C 11 -21.78 -15.31 -40.42
CA GLN C 11 -21.59 -14.45 -41.57
C GLN C 11 -20.10 -14.22 -41.69
N TYR C 12 -19.56 -14.35 -42.90
CA TYR C 12 -18.12 -14.15 -43.09
C TYR C 12 -17.74 -12.83 -43.76
N TRP C 13 -16.64 -12.24 -43.32
CA TRP C 13 -16.05 -11.10 -44.04
C TRP C 13 -14.53 -11.15 -43.84
N PRO C 14 -13.76 -10.77 -44.85
CA PRO C 14 -12.29 -10.78 -44.72
C PRO C 14 -11.82 -9.68 -43.81
N PHE C 15 -10.65 -9.89 -43.20
CA PHE C 15 -10.03 -8.88 -42.37
C PHE C 15 -9.78 -7.64 -43.22
N SER C 16 -9.98 -6.48 -42.62
CA SER C 16 -9.57 -5.25 -43.26
C SER C 16 -8.05 -5.25 -43.15
N SER C 17 -7.35 -4.87 -44.22
CA SER C 17 -5.89 -4.86 -44.11
C SER C 17 -5.43 -3.80 -43.12
N SER C 18 -6.25 -2.77 -42.90
CA SER C 18 -5.88 -1.72 -41.94
C SER C 18 -5.76 -2.30 -40.53
N ASP C 19 -6.66 -3.22 -40.18
CA ASP C 19 -6.56 -3.86 -38.86
C ASP C 19 -5.28 -4.69 -38.76
N LEU C 20 -5.03 -5.51 -39.78
CA LEU C 20 -3.84 -6.34 -39.73
C LEU C 20 -2.57 -5.52 -39.61
N TYR C 21 -2.44 -4.51 -40.44
CA TYR C 21 -1.23 -3.68 -40.40
C TYR C 21 -1.16 -2.82 -39.13
N ASN C 22 -2.31 -2.42 -38.58
CA ASN C 22 -2.29 -1.65 -37.34
C ASN C 22 -1.79 -2.53 -36.20
N TRP C 23 -2.25 -3.77 -36.18
CA TRP C 23 -1.83 -4.71 -35.13
C TRP C 23 -0.33 -4.91 -35.21
N LYS C 24 0.17 -5.11 -36.43
CA LYS C 24 1.60 -5.27 -36.64
C LYS C 24 2.36 -4.04 -36.16
N ASN C 25 1.94 -2.88 -36.63
CA ASN C 25 2.71 -1.65 -36.36
C ASN C 25 2.66 -1.14 -34.93
N ASN C 26 1.70 -1.61 -34.14
CA ASN C 26 1.58 -1.14 -32.77
C ASN C 26 2.14 -2.11 -31.75
N ASN C 27 2.90 -3.09 -32.24
CA ASN C 27 3.50 -4.08 -31.36
C ASN C 27 4.91 -4.42 -31.78
N PRO C 28 5.70 -4.89 -30.82
CA PRO C 28 7.04 -5.37 -31.12
C PRO C 28 6.90 -6.64 -31.94
N SER C 29 8.00 -7.09 -32.55
CA SER C 29 7.96 -8.33 -33.29
C SER C 29 7.79 -9.45 -32.30
N PHE C 30 7.39 -10.61 -32.78
CA PHE C 30 7.21 -11.77 -31.93
C PHE C 30 8.51 -12.13 -31.24
N SER C 31 9.61 -12.07 -31.99
CA SER C 31 10.93 -12.40 -31.46
C SER C 31 11.36 -11.47 -30.35
N GLU C 32 11.08 -10.17 -30.51
CA GLU C 32 11.45 -9.18 -29.51
C GLU C 32 10.74 -9.37 -28.17
N ASP C 33 9.45 -9.70 -28.24
CA ASP C 33 8.64 -9.82 -27.06
C ASP C 33 7.38 -10.60 -27.44
N PRO C 34 7.46 -11.92 -27.35
CA PRO C 34 6.38 -12.79 -27.82
C PRO C 34 5.04 -12.53 -27.13
N GLY C 35 5.07 -12.11 -25.88
CA GLY C 35 3.85 -11.87 -25.13
C GLY C 35 2.91 -10.89 -25.78
N LYS C 36 3.46 -9.83 -26.39
CA LYS C 36 2.66 -8.79 -27.03
C LYS C 36 1.73 -9.35 -28.10
N LEU C 37 2.30 -9.87 -29.17
CA LEU C 37 1.51 -10.41 -30.27
C LEU C 37 0.68 -11.63 -29.85
N THR C 38 1.22 -12.44 -28.94
CA THR C 38 0.45 -13.61 -28.49
C THR C 38 -0.87 -13.16 -27.86
N ALA C 39 -0.82 -12.14 -27.00
CA ALA C 39 -2.02 -11.63 -26.33
C ALA C 39 -2.98 -11.00 -27.33
N LEU C 40 -2.42 -10.29 -28.30
CA LEU C 40 -3.26 -9.65 -29.32
C LEU C 40 -3.98 -10.73 -30.14
N ILE C 41 -3.22 -11.72 -30.60
CA ILE C 41 -3.80 -12.81 -31.38
C ILE C 41 -4.79 -13.64 -30.56
N GLU C 42 -4.50 -13.90 -29.29
CA GLU C 42 -5.45 -14.63 -28.45
C GLU C 42 -6.80 -13.90 -28.43
N SER C 43 -6.75 -12.58 -28.31
CA SER C 43 -7.96 -11.76 -28.27
C SER C 43 -8.71 -11.84 -29.59
N VAL C 44 -8.00 -11.60 -30.69
CA VAL C 44 -8.59 -11.61 -32.02
C VAL C 44 -9.21 -12.96 -32.38
N LEU C 45 -8.54 -14.05 -31.95
CA LEU C 45 -9.05 -15.37 -32.21
C LEU C 45 -10.45 -15.50 -31.63
N THR C 46 -10.71 -14.77 -30.54
CA THR C 46 -12.05 -14.79 -29.97
C THR C 46 -13.02 -13.80 -30.60
N THR C 47 -12.63 -12.52 -30.64
CA THR C 47 -13.54 -11.51 -31.14
C THR C 47 -13.81 -11.61 -32.63
N HIS C 48 -12.82 -12.03 -33.39
CA HIS C 48 -12.98 -12.08 -34.85
C HIS C 48 -13.34 -13.48 -35.39
N GLN C 49 -13.27 -14.48 -34.51
CA GLN C 49 -13.65 -15.86 -34.88
C GLN C 49 -13.11 -16.24 -36.27
N PRO C 50 -11.80 -16.10 -36.48
CA PRO C 50 -11.20 -16.31 -37.80
C PRO C 50 -11.36 -17.76 -38.33
N THR C 51 -11.48 -17.89 -39.64
CA THR C 51 -11.45 -19.21 -40.27
C THR C 51 -9.99 -19.64 -40.42
N TRP C 52 -9.75 -20.79 -41.01
CA TRP C 52 -8.36 -21.26 -41.21
C TRP C 52 -7.61 -20.29 -42.11
N ASP C 53 -8.25 -19.86 -43.20
CA ASP C 53 -7.61 -18.87 -44.06
C ASP C 53 -7.33 -17.56 -43.32
N ASP C 54 -8.27 -17.12 -42.49
CA ASP C 54 -8.04 -15.90 -41.74
C ASP C 54 -6.81 -16.06 -40.86
N CYS C 55 -6.68 -17.22 -40.22
CA CYS C 55 -5.53 -17.46 -39.37
C CYS C 55 -4.22 -17.40 -40.17
N GLN C 56 -4.25 -17.86 -41.42
CA GLN C 56 -3.05 -17.79 -42.24
C GLN C 56 -2.67 -16.32 -42.47
N GLN C 57 -3.66 -15.44 -42.65
CA GLN C 57 -3.37 -14.02 -42.85
C GLN C 57 -2.83 -13.39 -41.60
N LEU C 58 -3.42 -13.75 -40.46
CA LEU C 58 -2.92 -13.25 -39.20
C LEU C 58 -1.47 -13.58 -39.05
N LEU C 59 -1.16 -14.88 -39.12
CA LEU C 59 0.21 -15.35 -38.94
C LEU C 59 1.12 -14.79 -40.00
N GLY C 60 0.67 -14.83 -41.24
CA GLY C 60 1.48 -14.38 -42.36
C GLY C 60 1.82 -12.91 -42.26
N THR C 61 0.93 -12.13 -41.67
CA THR C 61 1.14 -10.69 -41.57
C THR C 61 1.90 -10.28 -40.32
N LEU C 62 1.67 -10.97 -39.21
CA LEU C 62 2.26 -10.54 -37.95
C LEU C 62 3.59 -11.21 -37.62
N LEU C 63 3.85 -12.35 -38.25
CA LEU C 63 5.08 -13.08 -37.95
C LEU C 63 5.99 -13.15 -39.16
N THR C 64 7.29 -13.28 -38.92
CA THR C 64 8.23 -13.49 -40.01
C THR C 64 8.11 -14.95 -40.45
N GLY C 65 8.73 -15.30 -41.56
CA GLY C 65 8.70 -16.66 -42.04
C GLY C 65 9.21 -17.64 -40.99
N GLU C 66 10.28 -17.27 -40.29
CA GLU C 66 10.93 -18.14 -39.32
C GLU C 66 10.12 -18.25 -38.03
N GLU C 67 9.42 -17.17 -37.68
CA GLU C 67 8.58 -17.17 -36.49
C GLU C 67 7.35 -18.04 -36.72
N LYS C 68 6.71 -17.86 -37.88
CA LYS C 68 5.52 -18.60 -38.23
C LYS C 68 5.82 -20.10 -38.20
N GLN C 69 6.96 -20.47 -38.76
CA GLN C 69 7.35 -21.87 -38.81
C GLN C 69 7.46 -22.45 -37.42
N ARG C 70 8.09 -21.69 -36.53
CA ARG C 70 8.27 -22.14 -35.16
C ARG C 70 6.88 -22.37 -34.56
N VAL C 71 6.02 -21.37 -34.71
CA VAL C 71 4.68 -21.45 -34.18
C VAL C 71 3.89 -22.64 -34.73
N LEU C 72 3.96 -22.87 -36.03
CA LEU C 72 3.21 -23.97 -36.63
C LEU C 72 3.67 -25.35 -36.15
N LEU C 73 4.98 -25.51 -35.97
CA LEU C 73 5.49 -26.81 -35.50
C LEU C 73 5.14 -26.97 -34.04
N GLU C 74 5.13 -25.87 -33.31
CA GLU C 74 4.80 -25.90 -31.90
C GLU C 74 3.31 -26.24 -31.75
N ALA C 75 2.49 -25.74 -32.66
CA ALA C 75 1.06 -26.01 -32.62
C ALA C 75 0.77 -27.48 -32.93
N ARG C 76 1.48 -28.02 -33.89
CA ARG C 76 1.30 -29.43 -34.22
C ARG C 76 1.79 -30.33 -33.07
N LYS C 77 2.82 -29.87 -32.36
CA LYS C 77 3.34 -30.61 -31.20
C LYS C 77 2.38 -30.57 -30.02
N ALA C 78 1.40 -29.68 -30.09
CA ALA C 78 0.44 -29.54 -29.00
C ALA C 78 -0.81 -30.37 -29.20
N VAL C 79 -0.92 -31.04 -30.34
CA VAL C 79 -2.09 -31.87 -30.63
C VAL C 79 -2.13 -33.05 -29.68
N ARG C 80 -3.33 -33.40 -29.24
CA ARG C 80 -3.55 -34.51 -28.32
C ARG C 80 -4.48 -35.50 -28.97
N GLY C 81 -4.25 -36.78 -28.71
CA GLY C 81 -5.14 -37.83 -29.17
C GLY C 81 -6.35 -37.88 -28.27
N ASN C 82 -7.24 -38.83 -28.53
CA ASN C 82 -8.46 -38.96 -27.78
C ASN C 82 -8.24 -39.44 -26.35
N ASP C 83 -7.00 -39.82 -26.05
CA ASP C 83 -6.63 -40.28 -24.72
C ASP C 83 -5.96 -39.14 -23.94
N GLY C 84 -6.07 -37.92 -24.48
CA GLY C 84 -5.51 -36.74 -23.86
C GLY C 84 -3.99 -36.62 -23.83
N ARG C 85 -3.32 -37.50 -24.56
CA ARG C 85 -1.86 -37.50 -24.56
C ARG C 85 -1.32 -37.02 -25.91
N PRO C 86 -0.07 -36.58 -25.93
CA PRO C 86 0.53 -36.11 -27.19
C PRO C 86 0.51 -37.22 -28.21
N THR C 87 0.47 -36.83 -29.48
CA THR C 87 0.48 -37.79 -30.56
C THR C 87 1.27 -37.20 -31.70
N GLN C 88 2.06 -38.03 -32.35
CA GLN C 88 2.83 -37.63 -33.51
C GLN C 88 2.35 -38.42 -34.72
N LEU C 89 1.17 -39.03 -34.60
CA LEU C 89 0.56 -39.75 -35.70
C LEU C 89 0.09 -38.79 -36.80
N PRO C 90 0.76 -38.83 -37.95
CA PRO C 90 0.48 -37.90 -39.05
C PRO C 90 -0.99 -37.57 -39.28
N ASN C 91 -1.84 -38.59 -39.35
CA ASN C 91 -3.27 -38.36 -39.59
C ASN C 91 -3.96 -37.58 -38.49
N GLU C 92 -3.55 -37.81 -37.25
CA GLU C 92 -4.15 -37.10 -36.13
C GLU C 92 -3.62 -35.68 -36.12
N VAL C 93 -2.32 -35.52 -36.31
CA VAL C 93 -1.74 -34.19 -36.33
C VAL C 93 -2.32 -33.34 -37.46
N ASP C 94 -2.41 -33.94 -38.65
CA ASP C 94 -2.93 -33.25 -39.82
C ASP C 94 -4.40 -32.88 -39.67
N ALA C 95 -5.18 -33.76 -39.03
CA ALA C 95 -6.60 -33.53 -38.85
C ALA C 95 -6.88 -32.39 -37.88
N ALA C 96 -6.04 -32.26 -36.86
CA ALA C 96 -6.22 -31.20 -35.87
C ALA C 96 -5.67 -29.87 -36.37
N PHE C 97 -4.44 -29.90 -36.86
CA PHE C 97 -3.79 -28.69 -37.29
C PHE C 97 -3.19 -28.84 -38.68
N PRO C 98 -4.04 -28.74 -39.69
CA PRO C 98 -3.62 -28.89 -41.10
C PRO C 98 -2.74 -27.75 -41.58
N LEU C 99 -1.71 -28.10 -42.35
CA LEU C 99 -0.79 -27.13 -42.95
C LEU C 99 -1.34 -26.62 -44.29
N GLU C 100 -2.26 -27.39 -44.88
CA GLU C 100 -2.91 -26.99 -46.13
C GLU C 100 -4.39 -26.82 -45.85
N ARG C 101 -5.02 -25.95 -46.63
CA ARG C 101 -6.45 -25.63 -46.47
C ARG C 101 -7.34 -26.86 -46.27
N PRO C 102 -8.03 -26.91 -45.13
CA PRO C 102 -8.96 -28.00 -44.81
C PRO C 102 -10.34 -27.72 -45.40
N ASP C 103 -11.22 -28.72 -45.41
CA ASP C 103 -12.55 -28.55 -45.96
C ASP C 103 -13.57 -28.17 -44.92
N TRP C 104 -13.12 -27.52 -43.85
CA TRP C 104 -14.01 -27.17 -42.74
C TRP C 104 -15.10 -26.20 -43.19
N ASP C 105 -16.34 -26.57 -42.92
CA ASP C 105 -17.50 -25.75 -43.26
C ASP C 105 -18.05 -25.12 -42.00
N TYR C 106 -17.92 -23.81 -41.85
CA TYR C 106 -18.36 -23.14 -40.62
C TYR C 106 -19.86 -23.21 -40.37
N THR C 107 -20.63 -23.60 -41.38
CA THR C 107 -22.07 -23.75 -41.15
C THR C 107 -22.39 -25.11 -40.52
N THR C 108 -21.37 -25.93 -40.27
CA THR C 108 -21.60 -27.23 -39.64
C THR C 108 -20.93 -27.33 -38.28
N GLN C 109 -21.58 -28.03 -37.36
CA GLN C 109 -21.04 -28.23 -36.02
C GLN C 109 -19.66 -28.90 -36.12
N ARG C 110 -19.51 -29.75 -37.12
CA ARG C 110 -18.24 -30.41 -37.35
C ARG C 110 -17.16 -29.38 -37.70
N GLY C 111 -17.50 -28.50 -38.64
CA GLY C 111 -16.57 -27.46 -39.05
C GLY C 111 -16.23 -26.53 -37.92
N ARG C 112 -17.26 -26.12 -37.17
CA ARG C 112 -17.05 -25.22 -36.04
C ARG C 112 -16.13 -25.82 -35.00
N ASN C 113 -16.34 -27.08 -34.65
CA ASN C 113 -15.49 -27.72 -33.65
C ASN C 113 -14.02 -27.78 -34.06
N HIS C 114 -13.78 -28.11 -35.32
CA HIS C 114 -12.42 -28.11 -35.83
C HIS C 114 -11.81 -26.70 -35.73
N LEU C 115 -12.62 -25.69 -36.03
CA LEU C 115 -12.14 -24.30 -35.99
C LEU C 115 -11.76 -23.94 -34.56
N VAL C 116 -12.61 -24.29 -33.61
CA VAL C 116 -12.33 -24.04 -32.21
C VAL C 116 -10.99 -24.64 -31.82
N LEU C 117 -10.82 -25.93 -32.11
CA LEU C 117 -9.58 -26.65 -31.78
C LEU C 117 -8.39 -26.03 -32.48
N TYR C 118 -8.57 -25.69 -33.75
CA TYR C 118 -7.46 -25.09 -34.51
C TYR C 118 -6.99 -23.83 -33.81
N ARG C 119 -7.92 -22.97 -33.45
CA ARG C 119 -7.58 -21.72 -32.79
C ARG C 119 -6.89 -21.98 -31.44
N GLN C 120 -7.40 -22.96 -30.70
CA GLN C 120 -6.79 -23.30 -29.43
C GLN C 120 -5.36 -23.76 -29.63
N LEU C 121 -5.13 -24.57 -30.65
CA LEU C 121 -3.78 -25.08 -30.90
C LEU C 121 -2.85 -24.00 -31.42
N LEU C 122 -3.41 -23.08 -32.19
CA LEU C 122 -2.62 -21.97 -32.69
C LEU C 122 -2.10 -21.19 -31.51
N LEU C 123 -2.98 -20.92 -30.55
CA LEU C 123 -2.59 -20.17 -29.36
C LEU C 123 -1.51 -20.90 -28.59
N ALA C 124 -1.70 -22.20 -28.44
CA ALA C 124 -0.74 -23.02 -27.72
C ALA C 124 0.62 -22.92 -28.41
N GLY C 125 0.59 -23.01 -29.74
CA GLY C 125 1.80 -22.94 -30.53
C GLY C 125 2.55 -21.65 -30.26
N MET C 126 1.83 -20.54 -30.25
CA MET C 126 2.46 -19.26 -30.00
C MET C 126 3.01 -19.20 -28.58
N GLN C 127 2.25 -19.70 -27.62
CA GLN C 127 2.69 -19.65 -26.24
C GLN C 127 4.00 -20.42 -26.07
N ASN C 128 4.06 -21.59 -26.68
CA ASN C 128 5.24 -22.44 -26.57
C ASN C 128 6.43 -21.96 -27.41
N ALA C 129 6.16 -21.41 -28.58
CA ALA C 129 7.21 -20.89 -29.44
C ALA C 129 7.83 -19.67 -28.77
N GLY C 130 7.03 -18.96 -27.98
CA GLY C 130 7.52 -17.78 -27.26
C GLY C 130 8.55 -18.15 -26.19
N ARG C 131 9.58 -18.91 -26.59
CA ARG C 131 10.66 -19.35 -25.66
C ARG C 131 11.78 -20.00 -26.47
N SER C 132 12.72 -19.19 -26.95
CA SER C 132 13.86 -19.69 -27.78
C SER C 132 14.62 -20.79 -27.03
N PRO C 133 14.72 -20.74 -25.68
CA PRO C 133 15.46 -21.78 -24.95
C PRO C 133 15.64 -21.43 -23.47
N THR C 134 16.73 -21.90 -22.85
CA THR C 134 16.97 -21.62 -21.44
C THR C 134 18.26 -20.85 -21.25
N ASN C 135 18.19 -19.76 -20.47
CA ASN C 135 19.29 -18.84 -20.29
C ASN C 135 19.08 -18.19 -18.92
N LEU C 136 19.62 -18.84 -17.88
CA LEU C 136 19.39 -18.32 -16.52
C LEU C 136 19.99 -16.95 -16.32
N ALA C 137 21.10 -16.64 -17.00
CA ALA C 137 21.69 -15.32 -16.89
C ALA C 137 20.68 -14.22 -17.17
N LYS C 138 19.72 -14.48 -18.05
CA LYS C 138 18.72 -13.45 -18.37
C LYS C 138 17.84 -13.19 -17.17
N VAL C 139 17.51 -14.24 -16.42
CA VAL C 139 16.70 -14.05 -15.21
C VAL C 139 17.50 -13.30 -14.16
N LYS C 140 18.78 -13.67 -13.96
CA LYS C 140 19.60 -12.97 -12.97
C LYS C 140 19.84 -11.53 -13.38
N GLY C 141 19.74 -11.21 -14.67
CA GLY C 141 19.97 -9.86 -15.12
C GLY C 141 18.82 -8.90 -14.93
N ILE C 142 17.67 -9.35 -14.43
CA ILE C 142 16.53 -8.46 -14.21
C ILE C 142 16.74 -7.79 -12.85
N THR C 143 17.13 -6.51 -12.85
CA THR C 143 17.36 -5.80 -11.59
C THR C 143 16.45 -4.60 -11.51
N GLN C 144 15.88 -4.35 -10.33
CA GLN C 144 14.95 -3.26 -10.18
C GLN C 144 15.64 -1.92 -10.45
N GLY C 145 15.02 -1.11 -11.31
CA GLY C 145 15.52 0.21 -11.60
C GLY C 145 15.28 1.17 -10.43
N PRO C 146 16.04 2.26 -10.39
CA PRO C 146 15.93 3.19 -9.24
C PRO C 146 14.57 3.86 -9.13
N ASN C 147 13.83 3.99 -10.24
CA ASN C 147 12.50 4.59 -10.22
C ASN C 147 11.40 3.54 -10.37
N GLU C 148 11.78 2.27 -10.48
CA GLU C 148 10.84 1.22 -10.84
C GLU C 148 10.10 0.70 -9.61
N SER C 149 8.78 0.66 -9.69
CA SER C 149 7.98 0.16 -8.60
C SER C 149 8.22 -1.35 -8.40
N PRO C 150 8.06 -1.85 -7.18
CA PRO C 150 8.23 -3.30 -6.94
C PRO C 150 7.31 -4.17 -7.78
N SER C 151 6.07 -3.74 -8.02
CA SER C 151 5.19 -4.58 -8.83
C SER C 151 5.61 -4.57 -10.29
N ALA C 152 6.10 -3.44 -10.79
CA ALA C 152 6.57 -3.39 -12.18
C ALA C 152 7.80 -4.25 -12.35
N PHE C 153 8.72 -4.18 -11.39
CA PHE C 153 9.90 -5.02 -11.40
C PHE C 153 9.52 -6.50 -11.35
N LEU C 154 8.59 -6.87 -10.48
CA LEU C 154 8.19 -8.27 -10.41
C LEU C 154 7.62 -8.74 -11.74
N GLU C 155 6.83 -7.91 -12.42
CA GLU C 155 6.31 -8.35 -13.72
C GLU C 155 7.43 -8.57 -14.73
N ARG C 156 8.44 -7.68 -14.75
CA ARG C 156 9.58 -7.91 -15.65
C ARG C 156 10.33 -9.19 -15.27
N LEU C 157 10.46 -9.45 -13.97
CA LEU C 157 11.15 -10.66 -13.54
C LEU C 157 10.38 -11.91 -13.97
N LYS C 158 9.05 -11.88 -13.82
CA LYS C 158 8.26 -13.02 -14.26
C LYS C 158 8.35 -13.21 -15.77
N GLU C 159 8.37 -12.12 -16.52
CA GLU C 159 8.50 -12.22 -17.97
C GLU C 159 9.81 -12.92 -18.36
N ALA C 160 10.88 -12.67 -17.62
CA ALA C 160 12.16 -13.32 -17.91
C ALA C 160 12.11 -14.81 -17.60
N TYR C 161 11.50 -15.18 -16.46
CA TYR C 161 11.25 -16.59 -16.19
C TYR C 161 10.50 -17.26 -17.33
N ARG C 162 9.42 -16.63 -17.81
CA ARG C 162 8.64 -17.22 -18.90
C ARG C 162 9.48 -17.40 -20.15
N ARG C 163 10.24 -16.36 -20.52
CA ARG C 163 10.89 -16.39 -21.82
C ARG C 163 12.13 -17.27 -21.81
N TYR C 164 12.87 -17.27 -20.69
CA TYR C 164 14.22 -17.83 -20.65
C TYR C 164 14.40 -19.01 -19.71
N THR C 165 13.32 -19.53 -19.12
CA THR C 165 13.40 -20.77 -18.36
C THR C 165 12.22 -21.64 -18.73
N PRO C 166 12.26 -22.93 -18.40
CA PRO C 166 11.06 -23.78 -18.48
C PRO C 166 10.12 -23.66 -17.29
N TYR C 167 10.39 -22.79 -16.33
CA TYR C 167 9.57 -22.70 -15.12
C TYR C 167 8.51 -21.62 -15.27
N ASP C 168 7.29 -21.95 -14.89
CA ASP C 168 6.18 -21.00 -14.88
C ASP C 168 6.24 -20.22 -13.57
N PRO C 169 6.52 -18.92 -13.61
CA PRO C 169 6.64 -18.16 -12.35
C PRO C 169 5.33 -18.07 -11.59
N GLU C 170 4.19 -18.46 -12.18
CA GLU C 170 2.93 -18.45 -11.47
C GLU C 170 2.62 -19.78 -10.78
N ASP C 171 3.45 -20.81 -10.98
CA ASP C 171 3.21 -22.10 -10.34
C ASP C 171 3.42 -21.99 -8.83
N PRO C 172 2.56 -22.63 -8.03
CA PRO C 172 2.78 -22.60 -6.57
C PRO C 172 4.12 -23.17 -6.16
N GLY C 173 4.61 -24.18 -6.89
CA GLY C 173 5.91 -24.74 -6.61
C GLY C 173 7.09 -23.86 -6.96
N GLN C 174 6.88 -22.75 -7.67
CA GLN C 174 7.96 -21.85 -8.02
C GLN C 174 8.01 -20.62 -7.12
N GLU C 175 7.10 -20.51 -6.15
CA GLU C 175 6.94 -19.25 -5.42
C GLU C 175 8.21 -18.88 -4.66
N THR C 176 8.79 -19.82 -3.91
CA THR C 176 10.00 -19.49 -3.17
C THR C 176 11.13 -19.15 -4.11
N ASN C 177 11.18 -19.81 -5.27
CA ASN C 177 12.20 -19.51 -6.26
C ASN C 177 12.08 -18.08 -6.79
N VAL C 178 10.87 -17.70 -7.20
CA VAL C 178 10.65 -16.33 -7.66
C VAL C 178 10.86 -15.35 -6.51
N SER C 179 10.41 -15.72 -5.31
CA SER C 179 10.60 -14.86 -4.16
C SER C 179 12.07 -14.57 -3.91
N MET C 180 12.93 -15.60 -4.03
CA MET C 180 14.34 -15.38 -3.76
C MET C 180 14.97 -14.48 -4.80
N SER C 181 14.62 -14.67 -6.08
CA SER C 181 15.10 -13.75 -7.09
C SER C 181 14.58 -12.33 -6.84
N PHE C 182 13.31 -12.22 -6.45
CA PHE C 182 12.74 -10.90 -6.18
C PHE C 182 13.51 -10.20 -5.06
N ILE C 183 13.78 -10.91 -3.97
CA ILE C 183 14.53 -10.31 -2.87
C ILE C 183 15.95 -9.95 -3.30
N TRP C 184 16.63 -10.90 -3.96
CA TRP C 184 18.03 -10.68 -4.31
C TRP C 184 18.20 -9.55 -5.32
N GLN C 185 17.24 -9.38 -6.23
CA GLN C 185 17.43 -8.47 -7.35
C GLN C 185 16.63 -7.18 -7.20
N SER C 186 15.90 -7.01 -6.11
CA SER C 186 15.31 -5.72 -5.76
C SER C 186 16.40 -4.67 -5.57
N ALA C 187 16.00 -3.41 -5.61
CA ALA C 187 16.93 -2.34 -5.31
C ALA C 187 17.56 -2.58 -3.94
N PRO C 188 18.83 -2.21 -3.74
CA PRO C 188 19.56 -2.68 -2.54
C PRO C 188 18.89 -2.32 -1.22
N ASP C 189 18.38 -1.09 -1.06
CA ASP C 189 17.70 -0.75 0.18
C ASP C 189 16.51 -1.67 0.43
N ILE C 190 15.73 -1.94 -0.62
CA ILE C 190 14.56 -2.81 -0.48
C ILE C 190 14.97 -4.23 -0.14
N GLY C 191 15.95 -4.76 -0.90
CA GLY C 191 16.35 -6.14 -0.69
C GLY C 191 16.88 -6.38 0.70
N ARG C 192 17.67 -5.44 1.23
CA ARG C 192 18.19 -5.58 2.58
C ARG C 192 17.06 -5.60 3.61
N LYS C 193 16.00 -4.83 3.39
CA LYS C 193 14.91 -4.83 4.35
C LYS C 193 14.03 -6.07 4.23
N LEU C 194 13.76 -6.52 2.99
CA LEU C 194 12.98 -7.74 2.81
C LEU C 194 13.68 -8.93 3.44
N GLU C 195 15.01 -8.99 3.28
CA GLU C 195 15.80 -10.05 3.88
C GLU C 195 15.66 -10.08 5.40
N ARG C 196 15.46 -8.91 6.03
CA ARG C 196 15.35 -8.81 7.48
C ARG C 196 13.93 -8.99 8.01
N LEU C 197 12.94 -9.23 7.15
CA LEU C 197 11.56 -9.36 7.60
C LEU C 197 11.43 -10.48 8.62
N GLU C 198 10.63 -10.24 9.66
CA GLU C 198 10.31 -11.30 10.60
C GLU C 198 9.39 -12.32 9.94
N ASP C 199 9.60 -13.59 10.30
CA ASP C 199 8.93 -14.72 9.65
C ASP C 199 8.98 -14.61 8.13
N LEU C 200 10.19 -14.45 7.60
CA LEU C 200 10.38 -14.31 6.16
C LEU C 200 9.84 -15.53 5.42
N LYS C 201 10.09 -16.73 5.95
CA LYS C 201 9.60 -17.95 5.31
C LYS C 201 8.10 -17.91 5.06
N SER C 202 7.36 -17.17 5.88
CA SER C 202 5.91 -17.12 5.81
C SER C 202 5.39 -16.12 4.79
N LYS C 203 6.26 -15.34 4.17
CA LYS C 203 5.81 -14.27 3.27
C LYS C 203 5.54 -14.83 1.89
N THR C 204 4.33 -14.58 1.37
CA THR C 204 4.07 -14.89 -0.02
C THR C 204 4.73 -13.87 -0.93
N LEU C 205 4.76 -14.18 -2.21
CA LEU C 205 5.21 -13.23 -3.21
C LEU C 205 4.42 -11.92 -3.10
N GLY C 206 3.10 -12.03 -2.92
CA GLY C 206 2.28 -10.85 -2.71
C GLY C 206 2.67 -10.07 -1.46
N ASP C 207 2.98 -10.79 -0.38
CA ASP C 207 3.44 -10.13 0.84
C ASP C 207 4.73 -9.36 0.58
N LEU C 208 5.68 -10.01 -0.09
CA LEU C 208 6.96 -9.37 -0.36
C LEU C 208 6.79 -8.11 -1.19
N VAL C 209 5.90 -8.16 -2.20
CA VAL C 209 5.66 -6.97 -3.01
C VAL C 209 5.09 -5.84 -2.14
N ARG C 210 4.17 -6.17 -1.25
CA ARG C 210 3.60 -5.14 -0.39
C ARG C 210 4.64 -4.55 0.56
N GLU C 211 5.52 -5.40 1.11
CA GLU C 211 6.58 -4.89 1.97
C GLU C 211 7.56 -4.03 1.21
N ALA C 212 7.89 -4.42 -0.03
CA ALA C 212 8.79 -3.62 -0.84
C ALA C 212 8.14 -2.28 -1.19
N GLU C 213 6.84 -2.28 -1.42
CA GLU C 213 6.13 -1.05 -1.72
C GLU C 213 6.19 -0.07 -0.54
N LYS C 214 6.10 -0.59 0.68
CA LYS C 214 6.21 0.28 1.84
C LYS C 214 7.54 1.03 1.86
N ILE C 215 8.63 0.31 1.55
CA ILE C 215 9.94 0.94 1.46
C ILE C 215 10.00 1.90 0.27
N PHE C 216 9.49 1.46 -0.88
CA PHE C 216 9.59 2.26 -2.09
C PHE C 216 8.82 3.57 -1.96
N ASN C 217 7.61 3.39 -1.41
CA ASN C 217 6.59 4.44 -1.10
C ASN C 217 7.13 5.34 0.01
N LYS C 218 8.28 4.97 0.58
CA LYS C 218 9.02 5.79 1.57
C LYS C 218 10.22 6.41 0.85
N ARG C 219 10.09 6.56 -0.48
CA ARG C 219 11.11 7.05 -1.45
C ARG C 219 11.87 8.30 -0.97
N GLU C 220 11.32 9.04 -0.01
CA GLU C 220 11.98 10.28 0.52
C GLU C 220 12.26 11.28 -0.62
N THR C 221 11.18 11.79 -1.23
CA THR C 221 11.16 12.79 -2.28
C THR C 221 12.47 13.54 -2.41
N PRO C 222 12.85 13.82 -3.64
CA PRO C 222 14.07 14.56 -3.94
C PRO C 222 13.98 15.93 -3.29
N GLU C 223 12.83 16.58 -3.48
CA GLU C 223 12.60 17.90 -2.90
C GLU C 223 12.79 17.84 -1.39
N GLU C 224 12.17 16.85 -0.76
CA GLU C 224 12.29 16.68 0.68
C GLU C 224 13.75 16.56 1.11
N ARG C 225 14.48 15.69 0.42
CA ARG C 225 15.89 15.48 0.73
C ARG C 225 16.67 16.78 0.63
N GLU C 226 16.44 17.51 -0.46
CA GLU C 226 17.12 18.78 -0.71
C GLU C 226 16.82 19.77 0.40
N GLU C 227 15.56 19.83 0.81
CA GLU C 227 15.12 20.73 1.87
C GLU C 227 15.87 20.38 3.15
N ARG C 228 15.93 19.09 3.46
CA ARG C 228 16.64 18.62 4.64
C ARG C 228 18.09 19.10 4.58
N ILE C 229 18.74 18.88 3.44
CA ILE C 229 20.13 19.29 3.26
C ILE C 229 20.28 20.79 3.55
N ARG C 230 19.42 21.59 2.94
CA ARG C 230 19.45 23.04 3.13
C ARG C 230 19.37 23.37 4.61
N ARG C 231 18.39 22.78 5.28
CA ARG C 231 18.20 22.99 6.70
C ARG C 231 19.24 22.22 7.51
N GLU C 232 20.20 21.62 6.80
CA GLU C 232 21.26 20.86 7.44
C GLU C 232 21.98 21.70 8.49
N THR C 233 22.47 22.86 8.08
CA THR C 233 23.18 23.78 8.97
C THR C 233 24.27 23.08 9.78
N GLU C 234 25.12 22.31 9.09
CA GLU C 234 26.19 21.59 9.75
C GLU C 234 27.54 21.90 9.09
N GLU C 235 27.51 22.77 8.08
CA GLU C 235 28.71 23.17 7.35
C GLU C 235 29.54 21.97 6.89
N LYS C 236 30.82 21.97 7.28
CA LYS C 236 31.75 20.87 6.91
C LYS C 236 31.50 19.67 7.83
N PRO D 1 30.87 -37.68 34.34
CA PRO D 1 30.52 -38.80 33.41
C PRO D 1 29.94 -40.02 34.14
N LEU D 2 29.14 -40.81 33.44
CA LEU D 2 28.60 -42.04 33.98
C LEU D 2 28.95 -43.17 33.01
N ARG D 3 29.18 -44.36 33.56
CA ARG D 3 29.37 -45.54 32.73
C ARG D 3 28.82 -46.75 33.47
N MET D 4 28.44 -47.77 32.72
CA MET D 4 27.91 -48.99 33.34
C MET D 4 29.09 -49.73 33.93
N GLY D 5 29.09 -49.90 35.25
CA GLY D 5 30.17 -50.59 35.92
C GLY D 5 30.17 -52.09 35.66
N GLY D 6 31.23 -52.76 36.10
CA GLY D 6 31.34 -54.19 35.91
C GLY D 6 30.31 -54.97 36.71
N ASN D 7 29.65 -54.27 37.64
CA ASN D 7 28.64 -54.89 38.50
C ASN D 7 27.21 -54.59 38.06
N GLY D 8 27.05 -54.03 36.86
CA GLY D 8 25.74 -53.71 36.33
C GLY D 8 25.13 -52.46 36.93
N GLN D 9 25.95 -51.65 37.57
CA GLN D 9 25.48 -50.43 38.20
C GLN D 9 26.23 -49.21 37.62
N LEU D 10 25.53 -48.11 37.39
CA LEU D 10 26.16 -46.90 36.88
C LEU D 10 27.25 -46.43 37.86
N GLN D 11 28.31 -45.86 37.31
CA GLN D 11 29.45 -45.43 38.10
C GLN D 11 29.74 -44.00 37.67
N TYR D 12 29.95 -43.10 38.64
CA TYR D 12 30.23 -41.71 38.29
C TYR D 12 31.69 -41.31 38.48
N TRP D 13 32.19 -40.45 37.57
CA TRP D 13 33.49 -39.81 37.77
C TRP D 13 33.44 -38.43 37.11
N PRO D 14 34.10 -37.43 37.70
CA PRO D 14 34.09 -36.09 37.11
C PRO D 14 34.95 -36.04 35.86
N PHE D 15 34.63 -35.11 34.97
CA PHE D 15 35.41 -34.88 33.76
C PHE D 15 36.82 -34.53 34.17
N SER D 16 37.79 -35.04 33.42
CA SER D 16 39.15 -34.60 33.58
C SER D 16 39.18 -33.19 32.99
N SER D 17 39.85 -32.25 33.65
CA SER D 17 39.87 -30.89 33.07
C SER D 17 40.65 -30.88 31.77
N SER D 18 41.56 -31.85 31.59
CA SER D 18 42.33 -31.92 30.35
C SER D 18 41.43 -32.17 29.16
N ASP D 19 40.41 -33.02 29.34
CA ASP D 19 39.46 -33.26 28.25
C ASP D 19 38.68 -31.99 27.93
N LEU D 20 38.15 -31.34 28.97
CA LEU D 20 37.37 -30.14 28.75
C LEU D 20 38.17 -29.07 28.01
N TYR D 21 39.37 -28.81 28.50
CA TYR D 21 40.20 -27.78 27.87
C TYR D 21 40.71 -28.19 26.49
N ASN D 22 40.92 -29.49 26.27
CA ASN D 22 41.34 -29.94 24.95
C ASN D 22 40.20 -29.71 23.95
N TRP D 23 38.98 -30.03 24.37
CA TRP D 23 37.83 -29.85 23.48
C TRP D 23 37.71 -28.37 23.11
N LYS D 24 37.85 -27.51 24.12
CA LYS D 24 37.78 -26.07 23.89
C LYS D 24 38.88 -25.64 22.91
N ASN D 25 40.10 -26.02 23.21
CA ASN D 25 41.25 -25.52 22.42
C ASN D 25 41.36 -26.05 21.01
N ASN D 26 40.68 -27.16 20.72
CA ASN D 26 40.78 -27.75 19.38
C ASN D 26 39.59 -27.42 18.49
N ASN D 27 38.81 -26.45 18.92
CA ASN D 27 37.65 -26.03 18.15
C ASN D 27 37.47 -24.53 18.15
N PRO D 28 36.79 -24.03 17.13
CA PRO D 28 36.44 -22.61 17.07
C PRO D 28 35.43 -22.35 18.17
N SER D 29 35.19 -21.08 18.48
CA SER D 29 34.18 -20.74 19.46
C SER D 29 32.83 -21.07 18.86
N PHE D 30 31.82 -21.18 19.71
CA PHE D 30 30.48 -21.48 19.27
C PHE D 30 30.00 -20.41 18.29
N SER D 31 30.29 -19.15 18.60
CA SER D 31 29.87 -18.03 17.77
C SER D 31 30.50 -18.07 16.39
N GLU D 32 31.78 -18.44 16.32
CA GLU D 32 32.51 -18.52 15.05
C GLU D 32 31.94 -19.57 14.11
N ASP D 33 31.60 -20.71 14.67
CA ASP D 33 31.15 -21.85 13.87
C ASP D 33 30.46 -22.82 14.81
N PRO D 34 29.17 -22.63 15.01
CA PRO D 34 28.41 -23.41 16.00
C PRO D 34 28.44 -24.92 15.75
N GLY D 35 28.52 -25.32 14.50
CA GLY D 35 28.52 -26.73 14.14
C GLY D 35 29.61 -27.53 14.83
N LYS D 36 30.81 -26.94 14.96
CA LYS D 36 31.95 -27.62 15.56
C LYS D 36 31.66 -28.11 16.97
N LEU D 37 31.45 -27.18 17.89
CA LEU D 37 31.18 -27.53 19.28
C LEU D 37 29.88 -28.29 19.44
N THR D 38 28.87 -27.98 18.63
CA THR D 38 27.60 -28.71 18.74
C THR D 38 27.83 -30.20 18.49
N ALA D 39 28.60 -30.54 17.45
CA ALA D 39 28.86 -31.94 17.11
C ALA D 39 29.71 -32.60 18.18
N LEU D 40 30.67 -31.86 18.73
CA LEU D 40 31.52 -32.41 19.79
C LEU D 40 30.66 -32.72 21.03
N ILE D 41 29.85 -31.75 21.43
CA ILE D 41 28.98 -31.94 22.58
C ILE D 41 27.93 -33.02 22.34
N GLU D 42 27.38 -33.11 21.15
CA GLU D 42 26.42 -34.18 20.87
C GLU D 42 27.06 -35.55 21.11
N SER D 43 28.31 -35.68 20.69
CA SER D 43 29.06 -36.93 20.84
C SER D 43 29.30 -37.23 22.32
N VAL D 44 29.83 -36.25 23.04
CA VAL D 44 30.14 -36.40 24.45
C VAL D 44 28.91 -36.71 25.29
N LEU D 45 27.78 -36.09 24.94
CA LEU D 45 26.54 -36.34 25.65
C LEU D 45 26.23 -37.84 25.61
N THR D 46 26.64 -38.50 24.53
CA THR D 46 26.43 -39.94 24.44
C THR D 46 27.53 -40.76 25.11
N THR D 47 28.79 -40.53 24.72
CA THR D 47 29.86 -41.36 25.23
C THR D 47 30.13 -41.15 26.71
N HIS D 48 29.96 -39.92 27.19
CA HIS D 48 30.27 -39.63 28.58
C HIS D 48 29.05 -39.64 29.52
N GLN D 49 27.87 -39.72 28.93
CA GLN D 49 26.62 -39.82 29.72
C GLN D 49 26.62 -38.83 30.90
N PRO D 50 26.86 -37.55 30.64
CA PRO D 50 27.01 -36.56 31.70
C PRO D 50 25.74 -36.38 32.57
N THR D 51 25.95 -36.07 33.85
CA THR D 51 24.84 -35.70 34.72
C THR D 51 24.52 -34.22 34.48
N TRP D 52 23.56 -33.68 35.22
CA TRP D 52 23.20 -32.26 35.04
C TRP D 52 24.40 -31.38 35.41
N ASP D 53 25.07 -31.71 36.50
CA ASP D 53 26.27 -30.95 36.85
C ASP D 53 27.36 -31.05 35.79
N ASP D 54 27.54 -32.26 35.23
CA ASP D 54 28.53 -32.41 34.19
C ASP D 54 28.18 -31.50 33.02
N CYS D 55 26.90 -31.43 32.66
CA CYS D 55 26.50 -30.58 31.56
C CYS D 55 26.80 -29.11 31.85
N GLN D 56 26.67 -28.70 33.10
CA GLN D 56 27.00 -27.32 33.45
C GLN D 56 28.48 -27.05 33.20
N GLN D 57 29.34 -28.04 33.49
CA GLN D 57 30.78 -27.86 33.24
C GLN D 57 31.09 -27.81 31.77
N LEU D 58 30.42 -28.68 31.00
CA LEU D 58 30.59 -28.65 29.56
C LEU D 58 30.28 -27.28 29.03
N LEU D 59 29.06 -26.82 29.29
CA LEU D 59 28.60 -25.53 28.80
C LEU D 59 29.43 -24.41 29.33
N GLY D 60 29.71 -24.44 30.63
CA GLY D 60 30.47 -23.40 31.29
C GLY D 60 31.87 -23.27 30.74
N THR D 61 32.44 -24.38 30.31
CA THR D 61 33.81 -24.38 29.81
C THR D 61 33.91 -24.09 28.33
N LEU D 62 32.95 -24.57 27.54
CA LEU D 62 33.06 -24.44 26.10
C LEU D 62 32.36 -23.22 25.52
N LEU D 63 31.44 -22.65 26.27
CA LEU D 63 30.70 -21.49 25.78
C LEU D 63 30.98 -20.25 26.60
N THR D 64 30.83 -19.07 25.99
CA THR D 64 30.93 -17.84 26.74
C THR D 64 29.64 -17.66 27.51
N GLY D 65 29.61 -16.67 28.40
CA GLY D 65 28.40 -16.41 29.18
C GLY D 65 27.20 -16.14 28.28
N GLU D 66 27.42 -15.38 27.20
CA GLU D 66 26.36 -14.97 26.30
C GLU D 66 25.89 -16.13 25.41
N GLU D 67 26.82 -17.01 25.07
CA GLU D 67 26.48 -18.16 24.25
C GLU D 67 25.67 -19.17 25.07
N LYS D 68 26.12 -19.43 26.30
CA LYS D 68 25.45 -20.37 27.18
C LYS D 68 24.02 -19.93 27.41
N GLN D 69 23.83 -18.63 27.63
CA GLN D 69 22.51 -18.08 27.88
C GLN D 69 21.59 -18.34 26.70
N ARG D 70 22.11 -18.10 25.51
CA ARG D 70 21.33 -18.31 24.30
C ARG D 70 20.92 -19.77 24.25
N VAL D 71 21.89 -20.66 24.44
CA VAL D 71 21.63 -22.08 24.41
C VAL D 71 20.60 -22.53 25.44
N LEU D 72 20.71 -22.04 26.67
CA LEU D 72 19.78 -22.44 27.73
C LEU D 72 18.34 -21.98 27.44
N LEU D 73 18.18 -20.78 26.90
CA LEU D 73 16.82 -20.30 26.60
C LEU D 73 16.28 -21.06 25.42
N GLU D 74 17.15 -21.41 24.49
CA GLU D 74 16.75 -22.16 23.32
C GLU D 74 16.34 -23.58 23.74
N ALA D 75 17.03 -24.13 24.73
CA ALA D 75 16.70 -25.46 25.23
C ALA D 75 15.36 -25.47 25.94
N ARG D 76 15.10 -24.44 26.72
CA ARG D 76 13.83 -24.34 27.41
C ARG D 76 12.68 -24.14 26.40
N LYS D 77 12.96 -23.44 25.31
CA LYS D 77 11.97 -23.22 24.25
C LYS D 77 11.67 -24.50 23.47
N ALA D 78 12.52 -25.50 23.65
CA ALA D 78 12.34 -26.76 22.92
C ALA D 78 11.55 -27.78 23.71
N VAL D 79 11.20 -27.46 24.95
CA VAL D 79 10.44 -28.37 25.79
C VAL D 79 9.04 -28.57 25.21
N ARG D 80 8.55 -29.80 25.27
CA ARG D 80 7.25 -30.17 24.78
C ARG D 80 6.41 -30.73 25.91
N GLY D 81 5.13 -30.45 25.89
CA GLY D 81 4.21 -31.02 26.84
C GLY D 81 3.88 -32.45 26.42
N ASN D 82 3.01 -33.10 27.18
CA ASN D 82 2.64 -34.48 26.91
C ASN D 82 1.82 -34.64 25.64
N ASP D 83 1.42 -33.53 25.05
CA ASP D 83 0.64 -33.53 23.82
C ASP D 83 1.57 -33.26 22.63
N GLY D 84 2.87 -33.35 22.87
CA GLY D 84 3.88 -33.13 21.85
C GLY D 84 4.03 -31.72 21.30
N ARG D 85 3.39 -30.75 21.94
CA ARG D 85 3.44 -29.38 21.48
C ARG D 85 4.27 -28.51 22.42
N PRO D 86 4.75 -27.37 21.93
CA PRO D 86 5.53 -26.47 22.77
C PRO D 86 4.73 -26.05 23.98
N THR D 87 5.43 -25.75 25.07
CA THR D 87 4.79 -25.30 26.27
C THR D 87 5.68 -24.27 26.93
N GLN D 88 5.06 -23.23 27.46
CA GLN D 88 5.78 -22.19 28.18
C GLN D 88 5.31 -22.18 29.62
N LEU D 89 4.65 -23.27 30.03
CA LEU D 89 4.21 -23.42 31.41
C LEU D 89 5.41 -23.64 32.35
N PRO D 90 5.69 -22.65 33.19
CA PRO D 90 6.86 -22.68 34.09
C PRO D 90 7.19 -24.04 34.69
N ASN D 91 6.21 -24.71 35.27
CA ASN D 91 6.44 -26.00 35.91
C ASN D 91 6.90 -27.09 34.93
N GLU D 92 6.36 -27.05 33.72
CA GLU D 92 6.73 -28.04 32.73
C GLU D 92 8.13 -27.71 32.21
N VAL D 93 8.36 -26.43 31.93
CA VAL D 93 9.68 -26.03 31.44
C VAL D 93 10.77 -26.33 32.47
N ASP D 94 10.49 -25.98 33.73
CA ASP D 94 11.45 -26.20 34.82
C ASP D 94 11.72 -27.67 35.06
N ALA D 95 10.68 -28.50 34.94
CA ALA D 95 10.80 -29.93 35.17
C ALA D 95 11.65 -30.62 34.12
N ALA D 96 11.54 -30.16 32.89
CA ALA D 96 12.30 -30.75 31.78
C ALA D 96 13.73 -30.23 31.75
N PHE D 97 13.87 -28.91 31.81
CA PHE D 97 15.17 -28.29 31.70
C PHE D 97 15.40 -27.28 32.82
N PRO D 98 15.73 -27.78 34.00
CA PRO D 98 15.96 -26.95 35.18
C PRO D 98 17.23 -26.10 35.08
N LEU D 99 17.11 -24.85 35.53
CA LEU D 99 18.23 -23.91 35.55
C LEU D 99 19.05 -24.07 36.84
N GLU D 100 18.44 -24.67 37.85
CA GLU D 100 19.11 -24.94 39.11
C GLU D 100 19.16 -26.45 39.31
N ARG D 101 20.19 -26.91 40.02
CA ARG D 101 20.39 -28.34 40.27
C ARG D 101 19.14 -29.11 40.66
N PRO D 102 18.78 -30.10 39.85
CA PRO D 102 17.60 -30.95 40.12
C PRO D 102 17.99 -32.11 41.05
N ASP D 103 16.99 -32.82 41.57
CA ASP D 103 17.25 -33.93 42.48
C ASP D 103 17.32 -35.26 41.76
N TRP D 104 17.68 -35.23 40.48
CA TRP D 104 17.71 -36.46 39.68
C TRP D 104 18.73 -37.46 40.20
N ASP D 105 18.25 -38.67 40.45
CA ASP D 105 19.10 -39.75 40.96
C ASP D 105 19.36 -40.73 39.83
N TYR D 106 20.60 -40.80 39.35
CA TYR D 106 20.91 -41.68 38.21
C TYR D 106 20.73 -43.16 38.49
N THR D 107 20.60 -43.54 39.75
CA THR D 107 20.34 -44.96 40.05
C THR D 107 18.86 -45.28 39.88
N THR D 108 18.04 -44.31 39.52
CA THR D 108 16.61 -44.57 39.33
C THR D 108 16.18 -44.35 37.88
N GLN D 109 15.24 -45.17 37.41
CA GLN D 109 14.73 -45.03 36.05
C GLN D 109 14.15 -43.64 35.85
N ARG D 110 13.59 -43.08 36.92
CA ARG D 110 13.05 -41.74 36.86
C ARG D 110 14.17 -40.73 36.60
N GLY D 111 15.25 -40.87 37.36
CA GLY D 111 16.39 -39.98 37.21
C GLY D 111 17.01 -40.11 35.83
N ARG D 112 17.18 -41.35 35.39
CA ARG D 112 17.77 -41.61 34.08
C ARG D 112 16.95 -40.99 32.96
N ASN D 113 15.63 -41.15 33.01
CA ASN D 113 14.78 -40.59 31.95
C ASN D 113 14.88 -39.06 31.87
N HIS D 114 14.89 -38.40 33.03
CA HIS D 114 15.08 -36.96 33.04
C HIS D 114 16.43 -36.58 32.42
N LEU D 115 17.46 -37.38 32.72
CA LEU D 115 18.80 -37.08 32.21
C LEU D 115 18.80 -37.21 30.69
N VAL D 116 18.17 -38.27 30.18
CA VAL D 116 18.07 -38.47 28.75
C VAL D 116 17.44 -37.24 28.10
N LEU D 117 16.27 -36.85 28.61
CA LEU D 117 15.54 -35.70 28.07
C LEU D 117 16.35 -34.43 28.17
N TYR D 118 17.01 -34.24 29.32
CA TYR D 118 17.81 -33.03 29.51
C TYR D 118 18.86 -32.94 28.42
N ARG D 119 19.56 -34.04 28.19
CA ARG D 119 20.61 -34.05 27.18
C ARG D 119 20.04 -33.79 25.79
N GLN D 120 18.89 -34.38 25.51
CA GLN D 120 18.25 -34.16 24.22
C GLN D 120 17.91 -32.69 24.04
N LEU D 121 17.39 -32.08 25.09
CA LEU D 121 17.00 -30.66 25.01
C LEU D 121 18.21 -29.76 24.92
N LEU D 122 19.29 -30.15 25.60
CA LEU D 122 20.51 -29.37 25.54
C LEU D 122 20.97 -29.33 24.10
N LEU D 123 20.96 -30.49 23.45
CA LEU D 123 21.40 -30.57 22.06
C LEU D 123 20.51 -29.70 21.17
N ALA D 124 19.22 -29.78 21.40
CA ALA D 124 18.28 -29.00 20.62
C ALA D 124 18.60 -27.52 20.79
N GLY D 125 18.85 -27.12 22.03
CA GLY D 125 19.16 -25.75 22.35
C GLY D 125 20.35 -25.26 21.56
N MET D 126 21.40 -26.07 21.52
CA MET D 126 22.60 -25.70 20.78
C MET D 126 22.31 -25.62 19.29
N GLN D 127 21.55 -26.58 18.78
CA GLN D 127 21.26 -26.59 17.36
C GLN D 127 20.51 -25.33 16.95
N ASN D 128 19.54 -24.95 17.78
CA ASN D 128 18.74 -23.77 17.48
C ASN D 128 19.45 -22.44 17.75
N ALA D 129 20.26 -22.43 18.82
CA ALA D 129 21.02 -21.22 19.21
C ALA D 129 21.96 -20.80 18.07
N GLY D 130 22.37 -21.77 17.25
CA GLY D 130 23.28 -21.50 16.12
C GLY D 130 22.52 -21.15 14.85
N ARG D 131 21.85 -20.00 14.84
CA ARG D 131 21.06 -19.58 13.64
C ARG D 131 21.24 -18.08 13.40
N SER D 132 21.93 -17.72 12.31
CA SER D 132 22.14 -16.29 11.95
C SER D 132 20.85 -15.73 11.34
N PRO D 133 19.75 -15.63 12.13
CA PRO D 133 18.46 -15.14 11.58
C PRO D 133 18.41 -15.17 10.05
N THR D 134 17.68 -14.26 9.38
CA THR D 134 17.66 -14.36 7.93
C THR D 134 18.52 -13.28 7.30
N ASN D 135 19.38 -13.69 6.37
CA ASN D 135 20.37 -12.82 5.75
C ASN D 135 20.66 -13.40 4.37
N LEU D 136 19.86 -12.98 3.37
CA LEU D 136 20.02 -13.55 2.04
C LEU D 136 21.37 -13.26 1.43
N ALA D 137 21.96 -12.10 1.77
CA ALA D 137 23.29 -11.78 1.26
C ALA D 137 24.29 -12.90 1.54
N LYS D 138 24.12 -13.60 2.66
CA LYS D 138 25.05 -14.68 2.99
C LYS D 138 24.92 -15.82 1.99
N VAL D 139 23.69 -16.10 1.56
CA VAL D 139 23.49 -17.14 0.56
C VAL D 139 24.07 -16.71 -0.78
N LYS D 140 23.84 -15.45 -1.18
CA LYS D 140 24.39 -14.98 -2.46
C LYS D 140 25.90 -14.92 -2.40
N GLY D 141 26.48 -14.81 -1.22
CA GLY D 141 27.93 -14.74 -1.11
C GLY D 141 28.67 -16.05 -1.21
N ILE D 142 27.97 -17.17 -1.34
CA ILE D 142 28.63 -18.48 -1.47
C ILE D 142 28.99 -18.66 -2.94
N THR D 143 30.27 -18.51 -3.28
CA THR D 143 30.69 -18.65 -4.67
C THR D 143 31.73 -19.77 -4.78
N GLN D 144 31.62 -20.57 -5.82
CA GLN D 144 32.52 -21.71 -5.97
C GLN D 144 33.96 -21.22 -6.14
N GLY D 145 34.86 -21.78 -5.33
CA GLY D 145 36.27 -21.48 -5.44
C GLY D 145 36.89 -22.10 -6.68
N PRO D 146 38.04 -21.57 -7.11
CA PRO D 146 38.65 -22.06 -8.36
C PRO D 146 39.10 -23.50 -8.28
N ASN D 147 39.40 -24.03 -7.10
CA ASN D 147 39.78 -25.43 -6.92
C ASN D 147 38.68 -26.26 -6.32
N GLU D 148 37.52 -25.66 -6.05
CA GLU D 148 36.47 -26.31 -5.28
C GLU D 148 35.60 -27.18 -6.19
N SER D 149 35.41 -28.43 -5.79
CA SER D 149 34.56 -29.33 -6.55
C SER D 149 33.11 -28.88 -6.49
N PRO D 150 32.32 -29.19 -7.52
CA PRO D 150 30.89 -28.81 -7.50
C PRO D 150 30.13 -29.38 -6.32
N SER D 151 30.43 -30.60 -5.89
CA SER D 151 29.71 -31.17 -4.76
C SER D 151 30.10 -30.47 -3.45
N ALA D 152 31.38 -30.09 -3.32
CA ALA D 152 31.79 -29.37 -2.12
C ALA D 152 31.17 -27.99 -2.06
N PHE D 153 31.12 -27.31 -3.21
CA PHE D 153 30.47 -26.02 -3.29
C PHE D 153 28.97 -26.14 -2.96
N LEU D 154 28.31 -27.15 -3.52
CA LEU D 154 26.88 -27.31 -3.21
C LEU D 154 26.66 -27.51 -1.71
N GLU D 155 27.52 -28.28 -1.04
CA GLU D 155 27.33 -28.46 0.39
C GLU D 155 27.51 -27.14 1.15
N ARG D 156 28.48 -26.31 0.76
CA ARG D 156 28.62 -24.99 1.40
C ARG D 156 27.39 -24.13 1.12
N LEU D 157 26.85 -24.20 -0.10
CA LEU D 157 25.67 -23.42 -0.43
C LEU D 157 24.46 -23.86 0.40
N LYS D 158 24.30 -25.17 0.56
CA LYS D 158 23.20 -25.67 1.38
C LYS D 158 23.38 -25.24 2.84
N GLU D 159 24.61 -25.26 3.34
CA GLU D 159 24.85 -24.82 4.71
C GLU D 159 24.44 -23.37 4.91
N ALA D 160 24.65 -22.53 3.91
CA ALA D 160 24.25 -21.13 4.03
C ALA D 160 22.73 -20.98 4.04
N TYR D 161 22.03 -21.72 3.18
CA TYR D 161 20.58 -21.77 3.24
C TYR D 161 20.10 -22.16 4.64
N ARG D 162 20.68 -23.21 5.22
CA ARG D 162 20.27 -23.65 6.55
C ARG D 162 20.49 -22.57 7.59
N ARG D 163 21.67 -21.94 7.56
CA ARG D 163 22.03 -21.05 8.65
C ARG D 163 21.33 -19.70 8.52
N TYR D 164 21.17 -19.20 7.30
CA TYR D 164 20.79 -17.82 7.06
C TYR D 164 19.46 -17.63 6.36
N THR D 165 18.68 -18.68 6.14
CA THR D 165 17.32 -18.55 5.64
C THR D 165 16.41 -19.47 6.44
N PRO D 166 15.10 -19.27 6.37
CA PRO D 166 14.15 -20.26 6.90
C PRO D 166 13.87 -21.42 5.95
N TYR D 167 14.52 -21.50 4.80
CA TYR D 167 14.22 -22.54 3.82
C TYR D 167 15.16 -23.73 3.99
N ASP D 168 14.59 -24.93 3.98
CA ASP D 168 15.37 -26.16 4.03
C ASP D 168 15.83 -26.50 2.62
N PRO D 169 17.14 -26.44 2.33
CA PRO D 169 17.60 -26.71 0.96
C PRO D 169 17.34 -28.15 0.51
N GLU D 170 16.96 -29.04 1.41
CA GLU D 170 16.64 -30.41 1.03
C GLU D 170 15.16 -30.61 0.70
N ASP D 171 14.32 -29.59 0.91
CA ASP D 171 12.90 -29.73 0.60
C ASP D 171 12.68 -29.84 -0.90
N PRO D 172 11.78 -30.71 -1.34
CA PRO D 172 11.49 -30.80 -2.79
C PRO D 172 11.02 -29.48 -3.37
N GLY D 173 10.27 -28.69 -2.59
CA GLY D 173 9.83 -27.40 -3.05
C GLY D 173 10.91 -26.35 -3.15
N GLN D 174 12.12 -26.60 -2.65
CA GLN D 174 13.21 -25.64 -2.75
C GLN D 174 14.20 -25.98 -3.86
N GLU D 175 13.96 -27.07 -4.59
CA GLU D 175 14.98 -27.59 -5.50
C GLU D 175 15.33 -26.58 -6.59
N THR D 176 14.31 -26.00 -7.25
CA THR D 176 14.62 -25.05 -8.30
C THR D 176 15.31 -23.83 -7.73
N ASN D 177 14.94 -23.43 -6.50
CA ASN D 177 15.59 -22.30 -5.86
C ASN D 177 17.08 -22.57 -5.61
N VAL D 178 17.38 -23.72 -5.02
CA VAL D 178 18.78 -24.07 -4.80
C VAL D 178 19.49 -24.26 -6.13
N SER D 179 18.80 -24.88 -7.10
CA SER D 179 19.38 -25.08 -8.42
C SER D 179 19.79 -23.75 -9.05
N MET D 180 18.95 -22.73 -8.92
CA MET D 180 19.26 -21.45 -9.55
C MET D 180 20.46 -20.79 -8.88
N SER D 181 20.53 -20.84 -7.55
CA SER D 181 21.71 -20.35 -6.87
C SER D 181 22.94 -21.13 -7.27
N PHE D 182 22.81 -22.46 -7.37
CA PHE D 182 23.95 -23.30 -7.76
C PHE D 182 24.47 -22.90 -9.14
N ILE D 183 23.56 -22.73 -10.11
CA ILE D 183 23.99 -22.32 -11.45
C ILE D 183 24.60 -20.93 -11.43
N TRP D 184 23.93 -19.98 -10.76
CA TRP D 184 24.39 -18.60 -10.80
C TRP D 184 25.74 -18.43 -10.11
N GLN D 185 26.00 -19.20 -9.05
CA GLN D 185 27.16 -18.95 -8.21
C GLN D 185 28.27 -19.98 -8.41
N SER D 186 28.08 -20.94 -9.33
CA SER D 186 29.18 -21.79 -9.76
C SER D 186 30.28 -20.95 -10.42
N ALA D 187 31.45 -21.56 -10.53
CA ALA D 187 32.54 -20.90 -11.25
C ALA D 187 32.07 -20.53 -12.65
N PRO D 188 32.53 -19.40 -13.21
CA PRO D 188 31.91 -18.87 -14.42
C PRO D 188 31.86 -19.83 -15.59
N ASP D 189 32.94 -20.56 -15.87
CA ASP D 189 32.90 -21.53 -16.97
C ASP D 189 31.80 -22.57 -16.75
N ILE D 190 31.68 -23.05 -15.52
CA ILE D 190 30.67 -24.06 -15.21
C ILE D 190 29.27 -23.47 -15.34
N GLY D 191 29.05 -22.30 -14.74
CA GLY D 191 27.72 -21.71 -14.76
C GLY D 191 27.24 -21.43 -16.17
N ARG D 192 28.13 -20.94 -17.04
CA ARG D 192 27.74 -20.68 -18.42
C ARG D 192 27.34 -21.97 -19.13
N LYS D 193 28.01 -23.09 -18.83
CA LYS D 193 27.64 -24.33 -19.50
C LYS D 193 26.36 -24.94 -18.93
N LEU D 194 26.19 -24.87 -17.61
CA LEU D 194 24.95 -25.37 -17.01
C LEU D 194 23.74 -24.62 -17.53
N GLU D 195 23.89 -23.30 -17.68
CA GLU D 195 22.83 -22.46 -18.22
C GLU D 195 22.43 -22.89 -19.63
N ARG D 196 23.39 -23.41 -20.42
CA ARG D 196 23.15 -23.83 -21.80
C ARG D 196 22.68 -25.27 -21.93
N LEU D 197 22.51 -26.00 -20.83
CA LEU D 197 22.11 -27.41 -20.93
C LEU D 197 20.78 -27.54 -21.65
N GLU D 198 20.67 -28.56 -22.50
CA GLU D 198 19.39 -28.87 -23.11
C GLU D 198 18.44 -29.45 -22.08
N ASP D 199 17.16 -29.10 -22.21
CA ASP D 199 16.13 -29.41 -21.22
C ASP D 199 16.60 -29.10 -19.81
N LEU D 200 17.02 -27.84 -19.61
CA LEU D 200 17.51 -27.41 -18.30
C LEU D 200 16.44 -27.57 -17.24
N LYS D 201 15.19 -27.23 -17.56
CA LYS D 201 14.09 -27.35 -16.60
C LYS D 201 13.99 -28.76 -16.02
N SER D 202 14.43 -29.77 -16.77
CA SER D 202 14.32 -31.17 -16.38
C SER D 202 15.45 -31.64 -15.48
N LYS D 203 16.46 -30.81 -15.25
CA LYS D 203 17.63 -31.25 -14.51
C LYS D 203 17.38 -31.16 -13.02
N THR D 204 17.59 -32.25 -12.30
CA THR D 204 17.58 -32.18 -10.85
C THR D 204 18.87 -31.54 -10.34
N LEU D 205 18.85 -31.20 -9.05
CA LEU D 205 20.06 -30.74 -8.40
C LEU D 205 21.20 -31.75 -8.58
N GLY D 206 20.89 -33.04 -8.42
CA GLY D 206 21.89 -34.08 -8.68
C GLY D 206 22.38 -34.08 -10.11
N ASP D 207 21.48 -33.88 -11.08
CA ASP D 207 21.90 -33.78 -12.47
C ASP D 207 22.86 -32.62 -12.67
N LEU D 208 22.51 -31.46 -12.12
CA LEU D 208 23.36 -30.28 -12.28
C LEU D 208 24.74 -30.50 -11.70
N VAL D 209 24.81 -31.15 -10.53
CA VAL D 209 26.11 -31.44 -9.93
C VAL D 209 26.93 -32.34 -10.85
N ARG D 210 26.29 -33.35 -11.43
CA ARG D 210 27.01 -34.26 -12.32
C ARG D 210 27.49 -33.54 -13.58
N GLU D 211 26.67 -32.65 -14.13
CA GLU D 211 27.08 -31.88 -15.31
C GLU D 211 28.22 -30.93 -14.96
N ALA D 212 28.16 -30.31 -13.79
CA ALA D 212 29.24 -29.43 -13.37
C ALA D 212 30.53 -30.21 -13.16
N GLU D 213 30.42 -31.43 -12.65
CA GLU D 213 31.60 -32.25 -12.44
C GLU D 213 32.26 -32.60 -13.76
N LYS D 214 31.47 -32.83 -14.81
CA LYS D 214 32.06 -33.12 -16.12
C LYS D 214 32.94 -31.96 -16.59
N ILE D 215 32.46 -30.73 -16.41
CA ILE D 215 33.25 -29.55 -16.74
C ILE D 215 34.46 -29.43 -15.81
N PHE D 216 34.23 -29.62 -14.51
CA PHE D 216 35.30 -29.42 -13.53
C PHE D 216 36.44 -30.41 -13.74
N ASN D 217 35.99 -31.67 -13.96
CA ASN D 217 36.80 -32.89 -14.23
C ASN D 217 37.49 -32.74 -15.59
N LYS D 218 37.13 -31.67 -16.32
CA LYS D 218 37.79 -31.30 -17.60
C LYS D 218 38.70 -30.10 -17.30
N ARG D 219 39.14 -30.01 -16.04
CA ARG D 219 39.96 -28.90 -15.44
C ARG D 219 41.16 -28.49 -16.31
N GLU D 220 41.58 -29.33 -17.26
CA GLU D 220 42.74 -29.01 -18.16
C GLU D 220 44.00 -28.70 -17.34
N THR D 221 44.50 -29.71 -16.61
CA THR D 221 45.71 -29.70 -15.80
C THR D 221 46.63 -28.54 -16.13
N PRO D 222 47.23 -27.97 -15.08
CA PRO D 222 48.16 -26.86 -15.25
C PRO D 222 49.33 -27.32 -16.10
N GLU D 223 49.85 -28.50 -15.79
CA GLU D 223 50.95 -29.08 -16.54
C GLU D 223 50.56 -29.16 -18.01
N GLU D 224 49.39 -29.72 -18.28
CA GLU D 224 48.90 -29.87 -19.65
C GLU D 224 48.89 -28.52 -20.36
N ARG D 225 48.30 -27.52 -19.71
CA ARG D 225 48.20 -26.19 -20.28
C ARG D 225 49.59 -25.63 -20.62
N GLU D 226 50.51 -25.78 -19.68
CA GLU D 226 51.87 -25.29 -19.84
C GLU D 226 52.54 -25.97 -21.03
N GLU D 227 52.35 -27.28 -21.14
CA GLU D 227 52.91 -28.06 -22.24
C GLU D 227 52.37 -27.53 -23.55
N ARG D 228 51.06 -27.30 -23.61
CA ARG D 228 50.42 -26.77 -24.80
C ARG D 228 51.08 -25.45 -25.18
N ILE D 229 51.22 -24.57 -24.20
CA ILE D 229 51.84 -23.27 -24.43
C ILE D 229 53.23 -23.42 -25.03
N ARG D 230 54.04 -24.28 -24.40
CA ARG D 230 55.39 -24.53 -24.88
C ARG D 230 55.36 -24.96 -26.35
N ARG D 231 54.51 -25.94 -26.64
CA ARG D 231 54.36 -26.44 -27.99
C ARG D 231 53.57 -25.45 -28.84
N GLU D 232 53.27 -24.29 -28.27
CA GLU D 232 52.53 -23.26 -28.98
C GLU D 232 53.17 -22.92 -30.31
N THR D 233 54.46 -22.56 -30.26
CA THR D 233 55.23 -22.21 -31.45
C THR D 233 54.51 -21.19 -32.33
N GLU D 234 54.03 -20.12 -31.72
CA GLU D 234 53.33 -19.08 -32.46
C GLU D 234 53.94 -17.71 -32.20
N GLU D 235 55.01 -17.69 -31.41
CA GLU D 235 55.72 -16.45 -31.06
C GLU D 235 54.77 -15.36 -30.58
N LYS D 236 54.84 -14.20 -31.24
CA LYS D 236 53.99 -13.03 -30.88
C LYS D 236 52.59 -13.24 -31.46
#